data_1VI8
#
_entry.id   1VI8
#
_cell.length_a   78.657
_cell.length_b   67.456
_cell.length_c   105.195
_cell.angle_alpha   90.00
_cell.angle_beta   92.33
_cell.angle_gamma   90.00
#
_symmetry.space_group_name_H-M   'P 1 21 1'
#
loop_
_entity.id
_entity.type
_entity.pdbx_description
1 polymer 'Hypothetical protein ydiI'
2 water water
#
_entity_poly.entity_id   1
_entity_poly.type   'polypeptide(L)'
_entity_poly.pdbx_seq_one_letter_code
;MSLIWKRKITLEALNAMGEGNMVGFLDIRFEHIGDDTLEATMPVDSRTKQPFGLLHGGASVVLAESIGSVAGYLCTEGEQ
KVVGLEINANHVRSAREGRVRGVCKPLHLGSRHQVWQIEIFDEKGRLCCSSRLTTAILEGGSHHHHHH
;
_entity_poly.pdbx_strand_id   A,B,C,D,E,F,G,H
#
# COMPACT_ATOMS: atom_id res chain seq x y z
N SER A 2 -4.09 -11.95 11.68
CA SER A 2 -2.88 -11.25 12.21
C SER A 2 -3.00 -11.03 13.71
N LEU A 3 -3.89 -11.77 14.37
CA LEU A 3 -4.08 -11.63 15.81
C LEU A 3 -2.78 -11.98 16.54
N ILE A 4 -2.04 -10.95 16.95
CA ILE A 4 -0.77 -11.14 17.64
C ILE A 4 -0.92 -11.22 19.16
N TRP A 5 -2.00 -10.66 19.68
CA TRP A 5 -2.24 -10.64 21.12
C TRP A 5 -2.46 -12.02 21.76
N LYS A 6 -1.63 -12.34 22.74
CA LYS A 6 -1.74 -13.60 23.47
C LYS A 6 -2.56 -13.35 24.73
N ARG A 7 -2.84 -12.08 25.00
CA ARG A 7 -3.65 -11.68 26.14
C ARG A 7 -4.87 -10.92 25.66
N LYS A 8 -5.78 -10.65 26.58
CA LYS A 8 -7.01 -9.93 26.27
C LYS A 8 -7.06 -8.69 27.12
N ILE A 9 -7.45 -7.56 26.53
CA ILE A 9 -7.52 -6.32 27.28
C ILE A 9 -8.40 -5.32 26.54
N THR A 10 -9.07 -4.45 27.30
CA THR A 10 -9.93 -3.45 26.70
C THR A 10 -9.31 -2.07 26.82
N LEU A 11 -9.77 -1.15 25.98
CA LEU A 11 -9.26 0.21 26.02
C LEU A 11 -9.42 0.78 27.42
N GLU A 12 -10.52 0.42 28.09
CA GLU A 12 -10.81 0.89 29.45
C GLU A 12 -9.74 0.44 30.44
N ALA A 13 -9.51 -0.87 30.47
CA ALA A 13 -8.51 -1.45 31.36
C ALA A 13 -7.12 -0.96 31.01
N LEU A 14 -6.88 -0.83 29.71
CA LEU A 14 -5.59 -0.39 29.21
C LEU A 14 -5.27 1.04 29.67
N ASN A 15 -6.23 1.95 29.51
CA ASN A 15 -6.05 3.34 29.92
C ASN A 15 -5.95 3.52 31.42
N ALA A 16 -6.51 2.58 32.18
CA ALA A 16 -6.49 2.65 33.63
C ALA A 16 -5.08 2.36 34.16
N MET A 17 -4.19 1.91 33.29
CA MET A 17 -2.83 1.61 33.71
C MET A 17 -2.04 2.89 33.99
N GLY A 18 -2.37 3.95 33.25
CA GLY A 18 -1.65 5.21 33.39
C GLY A 18 -2.03 6.14 34.51
N GLU A 19 -3.10 5.86 35.23
CA GLU A 19 -3.52 6.70 36.34
C GLU A 19 -2.45 6.65 37.44
N GLY A 20 -1.94 7.82 37.82
CA GLY A 20 -0.92 7.86 38.87
C GLY A 20 0.52 7.73 38.40
N ASN A 21 0.75 7.76 37.10
CA ASN A 21 2.10 7.68 36.58
C ASN A 21 2.26 8.57 35.35
N MET A 22 3.47 8.58 34.78
CA MET A 22 3.75 9.44 33.63
C MET A 22 2.70 9.38 32.52
N VAL A 23 2.26 8.17 32.17
CA VAL A 23 1.27 8.02 31.13
C VAL A 23 0.02 8.87 31.36
N GLY A 24 -0.56 8.75 32.55
CA GLY A 24 -1.74 9.55 32.87
C GLY A 24 -1.44 11.03 33.01
N PHE A 25 -0.25 11.35 33.52
CA PHE A 25 0.16 12.74 33.71
C PHE A 25 0.36 13.48 32.38
N LEU A 26 0.73 12.75 31.34
CA LEU A 26 0.93 13.38 30.04
C LEU A 26 -0.36 13.26 29.22
N ASP A 27 -1.40 12.70 29.84
CA ASP A 27 -2.70 12.52 29.21
C ASP A 27 -2.57 11.69 27.93
N ILE A 28 -1.73 10.66 27.99
CA ILE A 28 -1.56 9.76 26.86
C ILE A 28 -2.79 8.85 26.89
N ARG A 29 -3.53 8.77 25.79
CA ARG A 29 -4.72 7.93 25.80
C ARG A 29 -4.81 6.93 24.65
N PHE A 30 -4.95 5.65 24.99
CA PHE A 30 -5.07 4.60 24.00
C PHE A 30 -6.44 4.73 23.36
N GLU A 31 -6.50 4.62 22.03
CA GLU A 31 -7.75 4.77 21.30
C GLU A 31 -8.08 3.67 20.30
N HIS A 32 -7.18 2.72 20.10
CA HIS A 32 -7.45 1.64 19.16
C HIS A 32 -6.61 0.42 19.41
N ILE A 33 -7.26 -0.73 19.37
CA ILE A 33 -6.59 -2.02 19.56
C ILE A 33 -7.03 -2.85 18.37
N GLY A 34 -6.17 -2.95 17.37
CA GLY A 34 -6.53 -3.75 16.21
C GLY A 34 -5.98 -5.14 16.42
N ASP A 35 -6.01 -5.95 15.39
CA ASP A 35 -5.48 -7.31 15.50
C ASP A 35 -3.97 -7.30 15.68
N ASP A 36 -3.29 -6.36 15.03
CA ASP A 36 -1.83 -6.29 15.11
C ASP A 36 -1.27 -4.87 15.26
N THR A 37 -2.04 -3.99 15.88
CA THR A 37 -1.59 -2.62 16.09
C THR A 37 -2.27 -2.07 17.33
N LEU A 38 -1.62 -1.08 17.92
CA LEU A 38 -2.11 -0.42 19.11
C LEU A 38 -1.90 1.06 18.81
N GLU A 39 -2.93 1.88 19.02
CA GLU A 39 -2.83 3.32 18.78
C GLU A 39 -3.15 4.16 20.02
N ALA A 40 -2.46 5.29 20.19
CA ALA A 40 -2.68 6.18 21.33
C ALA A 40 -2.31 7.63 21.02
N THR A 41 -3.07 8.57 21.59
CA THR A 41 -2.84 9.98 21.37
C THR A 41 -2.22 10.64 22.60
N MET A 42 -1.64 11.82 22.38
CA MET A 42 -1.01 12.57 23.44
C MET A 42 -1.12 14.05 23.07
N PRO A 43 -1.41 14.91 24.06
CA PRO A 43 -1.53 16.34 23.79
C PRO A 43 -0.18 17.02 23.60
N VAL A 44 -0.17 18.04 22.77
CA VAL A 44 1.01 18.84 22.51
C VAL A 44 0.72 20.08 23.34
N ASP A 45 1.11 20.07 24.61
CA ASP A 45 0.85 21.22 25.46
C ASP A 45 2.00 21.53 26.39
N SER A 46 1.73 22.39 27.38
CA SER A 46 2.74 22.79 28.33
C SER A 46 3.51 21.63 28.97
N ARG A 47 2.86 20.46 29.07
CA ARG A 47 3.51 19.31 29.67
C ARG A 47 4.34 18.48 28.71
N THR A 48 4.20 18.76 27.41
CA THR A 48 4.93 18.00 26.42
C THR A 48 5.76 18.85 25.44
N LYS A 49 5.69 20.17 25.56
CA LYS A 49 6.43 21.05 24.67
C LYS A 49 7.83 21.38 25.18
N GLN A 50 8.71 21.75 24.26
CA GLN A 50 10.06 22.17 24.63
C GLN A 50 9.96 23.71 24.76
N PRO A 51 11.01 24.36 25.29
CA PRO A 51 11.02 25.81 25.49
C PRO A 51 10.52 26.75 24.39
N PHE A 52 10.51 26.29 23.14
CA PHE A 52 10.08 27.14 22.04
C PHE A 52 8.66 26.90 21.49
N GLY A 53 7.83 26.23 22.28
CA GLY A 53 6.45 25.99 21.85
C GLY A 53 6.16 24.79 20.97
N LEU A 54 7.18 24.02 20.63
CA LEU A 54 7.00 22.83 19.78
C LEU A 54 7.02 21.54 20.61
N LEU A 55 6.50 20.45 20.03
CA LEU A 55 6.49 19.16 20.71
C LEU A 55 7.93 18.73 21.06
N HIS A 56 8.16 18.46 22.34
CA HIS A 56 9.47 18.02 22.81
C HIS A 56 9.75 16.63 22.22
N GLY A 57 10.95 16.41 21.70
CA GLY A 57 11.27 15.11 21.10
C GLY A 57 11.16 13.99 22.12
N GLY A 58 11.51 14.31 23.37
CA GLY A 58 11.43 13.32 24.44
C GLY A 58 10.01 12.88 24.71
N ALA A 59 9.05 13.78 24.54
CA ALA A 59 7.65 13.45 24.78
C ALA A 59 7.21 12.42 23.74
N SER A 60 7.64 12.63 22.49
CA SER A 60 7.35 11.68 21.42
C SER A 60 7.90 10.31 21.80
N VAL A 61 9.09 10.30 22.43
CA VAL A 61 9.68 9.02 22.81
C VAL A 61 8.94 8.40 23.98
N VAL A 62 8.41 9.21 24.90
CA VAL A 62 7.65 8.63 26.00
C VAL A 62 6.39 7.97 25.42
N LEU A 63 5.80 8.59 24.40
CA LEU A 63 4.61 8.05 23.78
C LEU A 63 4.98 6.70 23.16
N ALA A 64 6.07 6.71 22.40
CA ALA A 64 6.55 5.51 21.73
C ALA A 64 6.81 4.34 22.67
N GLU A 65 7.59 4.57 23.73
CA GLU A 65 7.90 3.49 24.65
C GLU A 65 6.67 3.05 25.42
N SER A 66 5.78 4.00 25.72
CA SER A 66 4.54 3.67 26.44
C SER A 66 3.67 2.72 25.63
N ILE A 67 3.51 2.99 24.33
CA ILE A 67 2.69 2.12 23.50
C ILE A 67 3.39 0.78 23.25
N GLY A 68 4.70 0.83 22.98
CA GLY A 68 5.47 -0.37 22.70
C GLY A 68 5.60 -1.35 23.85
N SER A 69 5.76 -0.82 25.06
CA SER A 69 5.90 -1.63 26.27
C SER A 69 4.66 -2.49 26.51
N VAL A 70 3.51 -1.84 26.56
CA VAL A 70 2.26 -2.55 26.78
C VAL A 70 1.99 -3.52 25.65
N ALA A 71 2.27 -3.10 24.41
CA ALA A 71 2.06 -3.96 23.26
C ALA A 71 2.89 -5.22 23.42
N GLY A 72 4.12 -5.05 23.89
CA GLY A 72 5.01 -6.17 24.10
C GLY A 72 4.41 -7.10 25.13
N TYR A 73 3.91 -6.53 26.22
CA TYR A 73 3.29 -7.31 27.28
C TYR A 73 2.18 -8.19 26.69
N LEU A 74 1.24 -7.54 26.01
CA LEU A 74 0.11 -8.22 25.39
C LEU A 74 0.53 -9.35 24.44
N CYS A 75 1.80 -9.42 24.09
CA CYS A 75 2.28 -10.47 23.19
C CYS A 75 3.02 -11.61 23.89
N THR A 76 2.92 -11.62 25.21
CA THR A 76 3.53 -12.67 26.03
C THR A 76 2.33 -13.27 26.76
N GLU A 77 2.59 -14.00 27.84
CA GLU A 77 1.51 -14.59 28.61
C GLU A 77 2.01 -15.18 29.92
N GLY A 78 1.09 -15.54 30.80
CA GLY A 78 1.48 -16.09 32.09
C GLY A 78 2.19 -15.02 32.90
N GLU A 79 3.24 -15.42 33.62
CA GLU A 79 3.99 -14.47 34.43
C GLU A 79 5.03 -13.72 33.60
N GLN A 80 5.08 -13.99 32.30
CA GLN A 80 6.03 -13.32 31.42
C GLN A 80 5.78 -11.80 31.40
N LYS A 81 6.85 -11.05 31.21
CA LYS A 81 6.77 -9.59 31.15
C LYS A 81 7.91 -9.10 30.27
N VAL A 82 7.74 -7.93 29.67
CA VAL A 82 8.79 -7.39 28.82
C VAL A 82 9.55 -6.24 29.45
N VAL A 83 10.79 -6.07 29.04
CA VAL A 83 11.64 -4.99 29.51
C VAL A 83 12.27 -4.32 28.30
N GLY A 84 12.17 -2.99 28.25
CA GLY A 84 12.74 -2.27 27.13
C GLY A 84 14.26 -2.26 27.20
N LEU A 85 14.91 -2.65 26.11
CA LEU A 85 16.37 -2.67 26.08
C LEU A 85 16.95 -1.42 25.41
N GLU A 86 16.42 -1.09 24.23
CA GLU A 86 16.89 0.06 23.48
C GLU A 86 15.72 0.69 22.73
N ILE A 87 15.81 2.00 22.53
CA ILE A 87 14.80 2.72 21.78
C ILE A 87 15.52 3.82 21.03
N ASN A 88 15.10 4.07 19.79
CA ASN A 88 15.69 5.10 18.97
C ASN A 88 14.57 5.81 18.22
N ALA A 89 14.85 6.99 17.71
CA ALA A 89 13.82 7.73 16.99
C ALA A 89 14.38 8.88 16.15
N ASN A 90 13.67 9.22 15.08
CA ASN A 90 14.03 10.34 14.22
C ASN A 90 12.88 11.34 14.24
N HIS A 91 13.19 12.59 14.56
CA HIS A 91 12.20 13.65 14.58
C HIS A 91 12.28 14.27 13.20
N VAL A 92 11.24 14.10 12.40
CA VAL A 92 11.25 14.61 11.04
C VAL A 92 10.35 15.80 10.77
N ARG A 93 9.44 16.08 11.70
CA ARG A 93 8.54 17.21 11.54
C ARG A 93 8.10 17.57 12.94
N SER A 94 7.90 18.86 13.17
CA SER A 94 7.48 19.30 14.47
C SER A 94 5.99 19.45 14.52
N ALA A 95 5.44 19.40 15.72
CA ALA A 95 4.01 19.56 15.94
C ALA A 95 3.95 20.70 16.93
N ARG A 96 2.99 21.61 16.75
CA ARG A 96 2.91 22.74 17.67
C ARG A 96 1.60 22.85 18.44
N GLU A 97 0.58 22.11 18.03
CA GLU A 97 -0.72 22.18 18.70
C GLU A 97 -1.52 20.89 18.52
N GLY A 98 -2.65 20.81 19.24
CA GLY A 98 -3.51 19.65 19.15
C GLY A 98 -2.98 18.44 19.88
N ARG A 99 -3.10 17.28 19.24
CA ARG A 99 -2.62 16.02 19.78
C ARG A 99 -1.95 15.24 18.67
N VAL A 100 -0.94 14.46 19.01
CA VAL A 100 -0.29 13.62 18.03
C VAL A 100 -0.82 12.21 18.29
N ARG A 101 -0.70 11.33 17.30
CA ARG A 101 -1.19 9.98 17.44
C ARG A 101 -0.08 8.98 17.17
N GLY A 102 0.15 8.08 18.12
CA GLY A 102 1.17 7.07 17.95
C GLY A 102 0.57 5.76 17.47
N VAL A 103 1.19 5.16 16.45
CA VAL A 103 0.72 3.88 15.91
C VAL A 103 1.86 2.88 15.99
N CYS A 104 1.61 1.83 16.76
CA CYS A 104 2.61 0.79 17.01
C CYS A 104 2.26 -0.52 16.35
N LYS A 105 3.24 -1.13 15.69
CA LYS A 105 3.06 -2.42 15.02
C LYS A 105 4.35 -3.21 15.22
N PRO A 106 4.26 -4.55 15.22
CA PRO A 106 5.44 -5.40 15.42
C PRO A 106 6.36 -5.57 14.22
N LEU A 107 7.63 -5.87 14.50
CA LEU A 107 8.61 -6.12 13.44
C LEU A 107 9.18 -7.49 13.74
N HIS A 108 9.07 -7.89 15.00
CA HIS A 108 9.55 -9.19 15.44
C HIS A 108 9.04 -9.55 16.84
N LEU A 109 8.55 -10.78 16.98
CA LEU A 109 8.06 -11.27 18.26
C LEU A 109 8.67 -12.67 18.43
N GLY A 110 9.79 -12.74 19.13
CA GLY A 110 10.46 -14.02 19.35
C GLY A 110 10.16 -14.53 20.74
N SER A 111 10.76 -15.65 21.12
CA SER A 111 10.50 -16.19 22.46
C SER A 111 11.35 -15.48 23.52
N ARG A 112 12.38 -14.78 23.06
CA ARG A 112 13.29 -14.08 23.96
C ARG A 112 13.18 -12.56 23.93
N HIS A 113 12.86 -12.01 22.76
CA HIS A 113 12.76 -10.55 22.63
C HIS A 113 11.81 -10.14 21.52
N GLN A 114 11.57 -8.83 21.41
CA GLN A 114 10.68 -8.28 20.39
C GLN A 114 11.18 -6.91 19.90
N VAL A 115 10.77 -6.55 18.69
CA VAL A 115 11.12 -5.28 18.09
C VAL A 115 9.82 -4.62 17.68
N TRP A 116 9.62 -3.38 18.11
CA TRP A 116 8.40 -2.65 17.78
C TRP A 116 8.69 -1.33 17.07
N GLN A 117 7.87 -1.05 16.06
CA GLN A 117 7.98 0.19 15.32
C GLN A 117 6.80 1.08 15.69
N ILE A 118 7.09 2.31 16.10
CA ILE A 118 6.04 3.24 16.45
C ILE A 118 6.16 4.50 15.62
N GLU A 119 5.11 4.81 14.86
CA GLU A 119 5.12 6.02 14.05
C GLU A 119 4.19 7.02 14.72
N ILE A 120 4.64 8.26 14.84
CA ILE A 120 3.85 9.29 15.47
C ILE A 120 3.47 10.36 14.46
N PHE A 121 2.17 10.61 14.34
CA PHE A 121 1.63 11.59 13.39
C PHE A 121 0.97 12.80 14.05
N ASP A 122 0.94 13.92 13.32
CA ASP A 122 0.31 15.13 13.83
C ASP A 122 -1.15 15.06 13.51
N GLU A 123 -1.91 16.06 13.95
CA GLU A 123 -3.34 16.11 13.72
C GLU A 123 -3.72 16.08 12.25
N LYS A 124 -2.76 16.34 11.37
CA LYS A 124 -3.04 16.34 9.93
C LYS A 124 -2.70 15.01 9.28
N GLY A 125 -2.26 14.04 10.09
CA GLY A 125 -1.93 12.73 9.53
C GLY A 125 -0.53 12.67 8.94
N ARG A 126 0.29 13.68 9.21
CA ARG A 126 1.66 13.72 8.69
C ARG A 126 2.62 13.14 9.73
N LEU A 127 3.61 12.38 9.26
CA LEU A 127 4.62 11.76 10.13
C LEU A 127 5.46 12.83 10.83
N CYS A 128 5.56 12.73 12.15
CA CYS A 128 6.34 13.67 12.95
C CYS A 128 7.50 12.95 13.63
N CYS A 129 7.36 11.65 13.86
CA CYS A 129 8.43 10.91 14.51
C CYS A 129 8.36 9.44 14.17
N SER A 130 9.50 8.85 13.87
CA SER A 130 9.54 7.44 13.55
C SER A 130 10.47 6.84 14.59
N SER A 131 10.02 5.79 15.27
CA SER A 131 10.86 5.18 16.30
C SER A 131 10.81 3.67 16.37
N ARG A 132 11.83 3.09 16.98
CA ARG A 132 11.94 1.63 17.15
C ARG A 132 12.27 1.29 18.59
N LEU A 133 11.63 0.24 19.09
CA LEU A 133 11.87 -0.20 20.45
C LEU A 133 12.15 -1.69 20.49
N THR A 134 13.19 -2.06 21.21
CA THR A 134 13.59 -3.44 21.35
C THR A 134 13.42 -3.83 22.79
N THR A 135 12.60 -4.86 23.03
CA THR A 135 12.34 -5.35 24.36
C THR A 135 12.89 -6.76 24.52
N ALA A 136 12.94 -7.19 25.77
CA ALA A 136 13.40 -8.53 26.11
C ALA A 136 12.27 -9.15 26.93
N ILE A 137 11.99 -10.42 26.67
CA ILE A 137 10.93 -11.10 27.38
C ILE A 137 11.56 -11.73 28.62
N LEU A 138 10.89 -11.61 29.76
CA LEU A 138 11.40 -12.18 31.01
C LEU A 138 10.46 -13.23 31.58
N GLU A 139 10.94 -14.46 31.67
CA GLU A 139 10.16 -15.59 32.20
C GLU A 139 9.78 -15.40 33.67
N SER B 2 38.33 21.43 27.26
CA SER B 2 38.43 22.90 27.03
C SER B 2 37.05 23.53 26.89
N LEU B 3 37.03 24.85 26.78
CA LEU B 3 35.77 25.57 26.66
C LEU B 3 35.14 25.39 25.29
N ILE B 4 34.03 24.66 25.23
CA ILE B 4 33.34 24.42 23.97
C ILE B 4 32.21 25.40 23.79
N TRP B 5 31.68 25.89 24.91
CA TRP B 5 30.57 26.84 24.90
C TRP B 5 30.94 28.13 24.17
N LYS B 6 30.00 28.63 23.37
CA LYS B 6 30.20 29.89 22.66
C LYS B 6 29.33 30.97 23.30
N ARG B 7 28.27 30.56 24.00
CA ARG B 7 27.40 31.52 24.70
C ARG B 7 27.70 31.40 26.18
N LYS B 8 27.49 32.48 26.93
CA LYS B 8 27.72 32.45 28.37
C LYS B 8 26.36 32.55 29.04
N ILE B 9 25.98 31.52 29.76
CA ILE B 9 24.69 31.50 30.42
C ILE B 9 24.84 31.09 31.88
N THR B 10 24.00 31.63 32.75
CA THR B 10 24.05 31.27 34.17
C THR B 10 23.15 30.04 34.34
N LEU B 11 23.31 29.33 35.45
CA LEU B 11 22.50 28.16 35.70
C LEU B 11 21.07 28.67 35.83
N GLU B 12 20.93 29.79 36.53
CA GLU B 12 19.65 30.43 36.77
C GLU B 12 18.91 30.68 35.44
N ALA B 13 19.60 31.26 34.47
CA ALA B 13 18.98 31.54 33.18
C ALA B 13 18.71 30.24 32.44
N LEU B 14 19.58 29.26 32.62
CA LEU B 14 19.43 27.98 31.97
C LEU B 14 18.15 27.31 32.47
N ASN B 15 17.97 27.28 33.79
CA ASN B 15 16.78 26.69 34.39
C ASN B 15 15.50 27.49 34.14
N ALA B 16 15.61 28.80 33.95
CA ALA B 16 14.42 29.62 33.68
C ALA B 16 13.77 29.23 32.35
N MET B 17 14.58 28.70 31.42
CA MET B 17 14.09 28.29 30.10
C MET B 17 12.97 27.25 30.20
N GLY B 18 13.02 26.42 31.24
CA GLY B 18 12.03 25.37 31.39
C GLY B 18 10.70 25.66 32.03
N GLU B 19 10.53 26.85 32.60
CA GLU B 19 9.25 27.18 33.24
C GLU B 19 8.16 27.19 32.20
N GLY B 20 7.03 26.57 32.52
CA GLY B 20 5.92 26.54 31.58
C GLY B 20 5.93 25.42 30.55
N ASN B 21 7.01 24.63 30.50
CA ASN B 21 7.05 23.53 29.55
C ASN B 21 7.51 22.20 30.17
N MET B 22 7.67 21.17 29.34
CA MET B 22 8.02 19.85 29.83
C MET B 22 9.15 19.80 30.84
N VAL B 23 10.25 20.50 30.56
CA VAL B 23 11.37 20.51 31.48
C VAL B 23 10.94 21.00 32.85
N GLY B 24 10.16 22.08 32.90
CA GLY B 24 9.70 22.60 34.17
C GLY B 24 8.73 21.66 34.85
N PHE B 25 7.90 20.99 34.08
CA PHE B 25 6.92 20.09 34.66
C PHE B 25 7.47 18.79 35.23
N LEU B 26 8.65 18.37 34.80
CA LEU B 26 9.23 17.14 35.36
C LEU B 26 10.33 17.51 36.36
N ASP B 27 10.41 18.78 36.72
CA ASP B 27 11.40 19.27 37.67
C ASP B 27 12.82 18.92 37.23
N ILE B 28 13.11 19.10 35.95
CA ILE B 28 14.44 18.84 35.46
C ILE B 28 15.25 20.09 35.77
N ARG B 29 16.32 19.90 36.56
CA ARG B 29 17.16 21.00 36.98
C ARG B 29 18.61 20.88 36.53
N PHE B 30 19.08 21.90 35.82
CA PHE B 30 20.47 21.91 35.41
C PHE B 30 21.21 22.30 36.68
N GLU B 31 22.23 21.52 37.04
CA GLU B 31 22.98 21.79 38.24
C GLU B 31 24.46 22.05 38.03
N HIS B 32 24.93 21.91 36.79
CA HIS B 32 26.34 22.15 36.57
C HIS B 32 26.75 22.32 35.12
N ILE B 33 27.48 23.39 34.86
CA ILE B 33 28.00 23.70 33.54
C ILE B 33 29.52 23.70 33.67
N GLY B 34 30.17 22.72 33.05
CA GLY B 34 31.62 22.66 33.10
C GLY B 34 32.15 23.24 31.82
N ASP B 35 33.45 23.12 31.60
CA ASP B 35 34.07 23.63 30.38
C ASP B 35 33.55 22.91 29.15
N ASP B 36 33.35 21.61 29.27
CA ASP B 36 32.88 20.81 28.15
C ASP B 36 31.89 19.72 28.57
N THR B 37 31.12 20.01 29.61
CA THR B 37 30.11 19.08 30.11
C THR B 37 28.92 19.89 30.65
N LEU B 38 27.74 19.28 30.60
CA LEU B 38 26.54 19.93 31.11
C LEU B 38 25.79 18.86 31.87
N GLU B 39 25.27 19.21 33.04
CA GLU B 39 24.55 18.22 33.85
C GLU B 39 23.19 18.69 34.34
N ALA B 40 22.24 17.77 34.36
CA ALA B 40 20.90 18.08 34.82
C ALA B 40 20.35 16.88 35.60
N THR B 41 19.49 17.16 36.58
CA THR B 41 18.88 16.15 37.42
C THR B 41 17.38 16.05 37.19
N MET B 42 16.81 14.88 37.49
CA MET B 42 15.40 14.62 37.31
C MET B 42 14.90 13.69 38.42
N PRO B 43 13.76 14.03 39.03
CA PRO B 43 13.24 13.17 40.09
C PRO B 43 12.65 11.88 39.51
N VAL B 44 12.72 10.81 40.28
CA VAL B 44 12.14 9.55 39.88
C VAL B 44 10.87 9.45 40.71
N ASP B 45 9.77 10.01 40.22
CA ASP B 45 8.52 9.97 40.97
C ASP B 45 7.30 9.69 40.10
N SER B 46 6.10 9.94 40.64
CA SER B 46 4.88 9.63 39.92
C SER B 46 4.78 10.29 38.54
N ARG B 47 5.50 11.39 38.35
CA ARG B 47 5.46 12.08 37.07
C ARG B 47 6.40 11.45 36.05
N THR B 48 7.33 10.64 36.54
CA THR B 48 8.31 10.04 35.66
C THR B 48 8.40 8.53 35.71
N LYS B 49 7.47 7.90 36.41
CA LYS B 49 7.48 6.44 36.52
C LYS B 49 6.45 5.82 35.59
N GLN B 50 6.68 4.57 35.21
CA GLN B 50 5.73 3.85 34.37
C GLN B 50 4.75 3.15 35.34
N PRO B 51 3.68 2.51 34.81
CA PRO B 51 2.69 1.82 35.66
C PRO B 51 3.20 0.87 36.75
N PHE B 52 4.40 0.34 36.58
CA PHE B 52 4.96 -0.61 37.55
C PHE B 52 5.81 0.01 38.68
N GLY B 53 5.70 1.32 38.85
CA GLY B 53 6.43 1.98 39.91
C GLY B 53 7.90 2.25 39.68
N LEU B 54 8.37 2.06 38.45
CA LEU B 54 9.78 2.30 38.14
C LEU B 54 9.97 3.45 37.16
N LEU B 55 11.19 3.96 37.10
CA LEU B 55 11.52 5.05 36.18
C LEU B 55 11.15 4.73 34.73
N HIS B 56 10.32 5.57 34.13
CA HIS B 56 9.88 5.40 32.75
C HIS B 56 11.04 5.70 31.78
N GLY B 57 11.41 4.72 30.97
CA GLY B 57 12.49 4.92 30.02
C GLY B 57 12.30 6.16 29.17
N GLY B 58 11.05 6.52 28.88
CA GLY B 58 10.78 7.70 28.09
C GLY B 58 11.28 8.95 28.81
N ALA B 59 11.10 8.98 30.13
CA ALA B 59 11.56 10.12 30.94
C ALA B 59 13.07 10.27 30.79
N SER B 60 13.78 9.14 30.86
CA SER B 60 15.22 9.18 30.70
C SER B 60 15.57 9.83 29.37
N VAL B 61 14.83 9.50 28.32
CA VAL B 61 15.09 10.10 27.02
C VAL B 61 14.71 11.58 27.06
N VAL B 62 13.69 11.92 27.85
CA VAL B 62 13.30 13.33 27.98
C VAL B 62 14.50 14.07 28.62
N LEU B 63 15.08 13.52 29.67
CA LEU B 63 16.22 14.15 30.32
C LEU B 63 17.38 14.35 29.35
N ALA B 64 17.73 13.28 28.65
CA ALA B 64 18.82 13.30 27.69
C ALA B 64 18.61 14.33 26.58
N GLU B 65 17.46 14.28 25.91
CA GLU B 65 17.26 15.24 24.84
C GLU B 65 17.22 16.65 25.39
N SER B 66 16.70 16.82 26.59
CA SER B 66 16.64 18.15 27.20
C SER B 66 18.02 18.74 27.45
N ILE B 67 18.94 17.92 27.97
CA ILE B 67 20.29 18.39 28.23
C ILE B 67 21.03 18.58 26.90
N GLY B 68 20.97 17.56 26.05
CA GLY B 68 21.67 17.61 24.77
C GLY B 68 21.25 18.77 23.90
N SER B 69 19.96 19.08 23.91
CA SER B 69 19.41 20.17 23.12
C SER B 69 20.04 21.52 23.50
N VAL B 70 20.08 21.82 24.80
CA VAL B 70 20.66 23.08 25.26
C VAL B 70 22.20 23.13 25.10
N ALA B 71 22.85 22.01 25.36
CA ALA B 71 24.31 21.95 25.21
C ALA B 71 24.62 22.32 23.76
N GLY B 72 23.84 21.75 22.85
CA GLY B 72 24.04 22.01 21.43
C GLY B 72 23.84 23.46 21.09
N TYR B 73 22.88 24.10 21.74
CA TYR B 73 22.58 25.52 21.53
C TYR B 73 23.72 26.40 22.05
N LEU B 74 24.27 26.02 23.20
CA LEU B 74 25.36 26.77 23.80
C LEU B 74 26.60 26.75 22.95
N CYS B 75 26.67 25.79 22.04
CA CYS B 75 27.83 25.67 21.16
C CYS B 75 27.62 26.37 19.83
N THR B 76 26.62 27.24 19.76
CA THR B 76 26.34 28.00 18.54
C THR B 76 26.31 29.50 18.89
N GLU B 77 26.77 30.34 17.98
CA GLU B 77 26.82 31.77 18.22
C GLU B 77 25.70 32.50 17.50
N GLY B 78 25.41 33.72 17.94
CA GLY B 78 24.38 34.54 17.32
C GLY B 78 22.97 33.95 17.33
N GLU B 79 22.26 34.14 16.21
CA GLU B 79 20.89 33.64 16.06
C GLU B 79 20.86 32.21 15.54
N GLN B 80 22.02 31.54 15.56
CA GLN B 80 22.08 30.14 15.12
C GLN B 80 21.23 29.30 16.06
N LYS B 81 20.87 28.11 15.61
CA LYS B 81 20.07 27.22 16.44
C LYS B 81 20.30 25.76 16.10
N VAL B 82 19.91 24.88 17.02
CA VAL B 82 20.09 23.46 16.78
C VAL B 82 18.75 22.78 16.77
N VAL B 83 18.65 21.73 15.96
CA VAL B 83 17.41 20.97 15.87
C VAL B 83 17.79 19.51 16.09
N GLY B 84 17.02 18.83 16.93
CA GLY B 84 17.28 17.42 17.19
C GLY B 84 16.90 16.58 15.98
N LEU B 85 17.85 15.81 15.46
CA LEU B 85 17.54 14.96 14.31
C LEU B 85 17.13 13.55 14.77
N GLU B 86 18.02 12.88 15.49
CA GLU B 86 17.69 11.55 15.98
C GLU B 86 18.34 11.25 17.33
N ILE B 87 17.68 10.37 18.08
CA ILE B 87 18.14 10.00 19.40
C ILE B 87 18.01 8.50 19.61
N ASN B 88 18.89 7.95 20.43
CA ASN B 88 18.84 6.52 20.75
C ASN B 88 19.30 6.37 22.18
N ALA B 89 18.84 5.33 22.86
CA ALA B 89 19.24 5.10 24.24
C ALA B 89 19.11 3.66 24.68
N ASN B 90 20.01 3.26 25.56
CA ASN B 90 20.00 1.93 26.12
C ASN B 90 19.69 2.01 27.60
N HIS B 91 18.64 1.30 28.00
CA HIS B 91 18.25 1.24 29.38
C HIS B 91 18.99 0.05 29.93
N VAL B 92 20.00 0.30 30.76
CA VAL B 92 20.82 -0.77 31.31
C VAL B 92 20.56 -1.07 32.78
N ARG B 93 19.72 -0.27 33.42
CA ARG B 93 19.41 -0.48 34.82
C ARG B 93 18.23 0.40 35.21
N SER B 94 17.36 -0.11 36.07
CA SER B 94 16.18 0.62 36.49
C SER B 94 16.43 1.52 37.71
N ALA B 95 15.44 2.36 38.02
CA ALA B 95 15.50 3.28 39.16
C ALA B 95 14.09 3.37 39.70
N ARG B 96 13.95 3.55 41.01
CA ARG B 96 12.63 3.62 41.61
C ARG B 96 12.41 4.78 42.59
N GLU B 97 13.47 5.49 42.93
CA GLU B 97 13.34 6.61 43.86
C GLU B 97 14.54 7.55 43.77
N GLY B 98 14.38 8.73 44.32
CA GLY B 98 15.45 9.70 44.31
C GLY B 98 15.47 10.49 43.03
N ARG B 99 16.65 10.62 42.46
CA ARG B 99 16.80 11.38 41.23
C ARG B 99 17.84 10.69 40.38
N VAL B 100 17.85 11.02 39.10
CA VAL B 100 18.86 10.48 38.22
C VAL B 100 19.57 11.71 37.69
N ARG B 101 20.85 11.55 37.39
CA ARG B 101 21.66 12.65 36.92
C ARG B 101 22.16 12.41 35.50
N GLY B 102 21.94 13.39 34.64
CA GLY B 102 22.37 13.30 33.26
C GLY B 102 23.66 14.08 33.05
N VAL B 103 24.62 13.46 32.37
CA VAL B 103 25.93 14.07 32.11
C VAL B 103 26.16 14.04 30.61
N CYS B 104 26.09 15.22 30.01
CA CYS B 104 26.21 15.40 28.57
C CYS B 104 27.58 15.87 28.11
N LYS B 105 28.22 15.06 27.26
CA LYS B 105 29.55 15.38 26.71
C LYS B 105 29.42 15.38 25.20
N PRO B 106 30.25 16.19 24.52
CA PRO B 106 30.18 16.22 23.06
C PRO B 106 31.01 15.09 22.45
N LEU B 107 30.51 14.49 21.38
CA LEU B 107 31.24 13.43 20.69
C LEU B 107 31.71 14.03 19.38
N HIS B 108 30.95 15.01 18.89
CA HIS B 108 31.26 15.72 17.65
C HIS B 108 30.58 17.10 17.65
N LEU B 109 31.37 18.15 17.38
CA LEU B 109 30.83 19.50 17.35
C LEU B 109 31.07 20.10 15.98
N GLY B 110 30.59 19.41 14.96
CA GLY B 110 30.76 19.85 13.59
C GLY B 110 30.30 21.25 13.28
N SER B 111 30.54 21.64 12.05
CA SER B 111 30.16 22.96 11.57
C SER B 111 28.71 22.96 11.13
N ARG B 112 28.21 21.79 10.76
CA ARG B 112 26.84 21.64 10.29
C ARG B 112 25.97 20.74 11.19
N HIS B 113 26.60 19.89 11.98
CA HIS B 113 25.86 18.99 12.86
C HIS B 113 26.70 18.62 14.09
N GLN B 114 26.03 18.13 15.14
CA GLN B 114 26.72 17.72 16.37
C GLN B 114 26.15 16.38 16.84
N VAL B 115 26.96 15.67 17.61
CA VAL B 115 26.59 14.39 18.20
C VAL B 115 26.83 14.58 19.69
N TRP B 116 25.84 14.26 20.50
CA TRP B 116 25.97 14.42 21.94
C TRP B 116 25.78 13.08 22.64
N GLN B 117 26.51 12.89 23.72
CA GLN B 117 26.43 11.67 24.48
C GLN B 117 25.97 12.04 25.88
N ILE B 118 24.90 11.41 26.31
CA ILE B 118 24.38 11.69 27.62
C ILE B 118 24.27 10.41 28.40
N GLU B 119 24.89 10.36 29.57
CA GLU B 119 24.82 9.16 30.40
C GLU B 119 24.04 9.57 31.65
N ILE B 120 23.04 8.77 32.00
CA ILE B 120 22.19 9.03 33.14
C ILE B 120 22.53 8.06 34.24
N PHE B 121 22.89 8.60 35.41
CA PHE B 121 23.28 7.81 36.56
C PHE B 121 22.32 7.95 37.72
N ASP B 122 22.28 6.94 38.59
CA ASP B 122 21.43 6.99 39.78
C ASP B 122 22.24 7.60 40.91
N GLU B 123 21.70 7.58 42.13
CA GLU B 123 22.39 8.15 43.29
C GLU B 123 23.79 7.57 43.51
N LYS B 124 23.93 6.27 43.29
CA LYS B 124 25.20 5.60 43.53
C LYS B 124 26.22 5.70 42.40
N GLY B 125 25.89 6.47 41.37
CA GLY B 125 26.83 6.62 40.26
C GLY B 125 26.74 5.46 39.29
N ARG B 126 25.67 4.69 39.39
CA ARG B 126 25.49 3.55 38.50
C ARG B 126 24.73 4.00 37.25
N LEU B 127 25.24 3.58 36.11
CA LEU B 127 24.67 3.92 34.81
C LEU B 127 23.31 3.25 34.64
N CYS B 128 22.30 4.06 34.34
CA CYS B 128 20.95 3.53 34.13
C CYS B 128 20.54 3.68 32.68
N CYS B 129 21.08 4.68 32.00
CA CYS B 129 20.75 4.93 30.60
C CYS B 129 21.88 5.66 29.87
N SER B 130 22.18 5.17 28.67
CA SER B 130 23.24 5.74 27.84
C SER B 130 22.57 6.15 26.55
N SER B 131 22.72 7.42 26.20
CA SER B 131 22.05 7.97 25.03
C SER B 131 22.90 8.87 24.14
N ARG B 132 22.54 8.89 22.86
CA ARG B 132 23.22 9.71 21.88
C ARG B 132 22.15 10.53 21.15
N LEU B 133 22.46 11.80 20.95
CA LEU B 133 21.56 12.71 20.28
C LEU B 133 22.34 13.36 19.16
N THR B 134 21.76 13.34 17.96
CA THR B 134 22.39 13.96 16.79
C THR B 134 21.52 15.18 16.45
N THR B 135 22.16 16.34 16.35
CA THR B 135 21.46 17.58 16.05
C THR B 135 22.01 18.24 14.80
N ALA B 136 21.20 19.13 14.25
CA ALA B 136 21.61 19.87 13.06
C ALA B 136 21.69 21.34 13.47
N ILE B 137 22.68 22.05 12.94
CA ILE B 137 22.83 23.46 13.25
C ILE B 137 22.16 24.28 12.16
N LEU B 138 21.28 25.18 12.56
CA LEU B 138 20.58 26.04 11.62
C LEU B 138 21.21 27.43 11.63
N GLU B 139 21.60 27.92 10.47
CA GLU B 139 22.22 29.23 10.36
C GLU B 139 21.26 30.33 10.79
N GLY B 140 21.83 31.47 11.23
CA GLY B 140 21.01 32.58 11.65
C GLY B 140 21.80 33.87 11.71
N GLY B 141 21.10 35.00 11.67
CA GLY B 141 21.74 36.29 11.74
C GLY B 141 21.62 37.10 10.46
N SER B 142 21.88 38.40 10.56
CA SER B 142 21.81 39.28 9.41
C SER B 142 23.09 39.13 8.58
N HIS B 143 22.96 39.30 7.27
CA HIS B 143 24.10 39.20 6.36
C HIS B 143 24.37 40.51 5.65
N HIS B 144 25.64 40.80 5.45
CA HIS B 144 26.03 41.99 4.72
C HIS B 144 25.56 41.86 3.27
N HIS B 145 25.31 42.99 2.63
CA HIS B 145 24.95 43.00 1.23
C HIS B 145 25.54 44.30 0.71
N HIS B 146 25.97 44.28 -0.54
CA HIS B 146 26.59 45.45 -1.14
C HIS B 146 25.60 46.55 -1.47
N HIS B 147 26.05 47.79 -1.26
CA HIS B 147 25.25 48.99 -1.53
C HIS B 147 26.17 50.22 -1.49
N SER C 2 4.12 12.41 -5.71
CA SER C 2 4.52 11.07 -5.20
C SER C 2 5.84 10.67 -5.82
N LEU C 3 6.31 11.47 -6.77
CA LEU C 3 7.58 11.22 -7.45
C LEU C 3 8.60 12.09 -6.75
N ILE C 4 9.58 11.47 -6.10
CA ILE C 4 10.58 12.21 -5.34
C ILE C 4 11.90 12.52 -6.03
N TRP C 5 12.31 11.68 -6.97
CA TRP C 5 13.58 11.88 -7.67
C TRP C 5 13.70 13.22 -8.38
N LYS C 6 14.83 13.90 -8.17
CA LYS C 6 15.08 15.18 -8.82
C LYS C 6 16.21 15.00 -9.84
N ARG C 7 16.75 13.79 -9.91
CA ARG C 7 17.80 13.43 -10.85
C ARG C 7 17.34 12.15 -11.54
N LYS C 8 17.28 12.17 -12.88
CA LYS C 8 16.87 10.99 -13.63
C LYS C 8 18.08 10.07 -13.72
N ILE C 9 17.84 8.77 -13.62
CA ILE C 9 18.93 7.80 -13.70
C ILE C 9 18.39 6.47 -14.22
N THR C 10 19.30 5.64 -14.73
CA THR C 10 18.91 4.34 -15.25
C THR C 10 19.56 3.26 -14.39
N LEU C 11 18.89 2.10 -14.30
CA LEU C 11 19.41 0.98 -13.52
C LEU C 11 20.81 0.66 -14.01
N GLU C 12 20.99 0.72 -15.32
CA GLU C 12 22.27 0.45 -15.95
C GLU C 12 23.33 1.41 -15.42
N ALA C 13 23.06 2.71 -15.54
CA ALA C 13 24.00 3.73 -15.08
C ALA C 13 24.13 3.72 -13.57
N LEU C 14 23.02 3.43 -12.88
CA LEU C 14 23.01 3.39 -11.43
C LEU C 14 23.88 2.24 -10.92
N ASN C 15 23.62 1.03 -11.42
CA ASN C 15 24.39 -0.13 -11.01
C ASN C 15 25.87 0.09 -11.32
N ALA C 16 26.14 0.87 -12.36
CA ALA C 16 27.50 1.18 -12.76
C ALA C 16 28.27 1.78 -11.59
N MET C 17 27.54 2.44 -10.69
CA MET C 17 28.14 3.07 -9.51
C MET C 17 29.16 2.19 -8.80
N GLY C 18 28.79 0.93 -8.56
CA GLY C 18 29.69 0.01 -7.88
C GLY C 18 30.64 -0.70 -8.83
N GLU C 19 31.51 0.08 -9.46
CA GLU C 19 32.48 -0.46 -10.42
C GLU C 19 33.89 -0.17 -9.93
N GLY C 20 34.23 -0.71 -8.77
CA GLY C 20 35.56 -0.49 -8.22
C GLY C 20 35.52 -0.16 -6.74
N ASN C 21 34.31 -0.10 -6.19
CA ASN C 21 34.12 0.20 -4.78
C ASN C 21 33.39 -0.95 -4.08
N MET C 22 33.25 -0.86 -2.75
CA MET C 22 32.60 -1.88 -1.96
C MET C 22 31.27 -2.40 -2.54
N VAL C 23 30.43 -1.51 -3.03
CA VAL C 23 29.15 -1.91 -3.58
C VAL C 23 29.30 -2.91 -4.73
N GLY C 24 30.47 -2.91 -5.36
CA GLY C 24 30.71 -3.83 -6.47
C GLY C 24 31.22 -5.14 -5.92
N PHE C 25 32.28 -5.07 -5.13
CA PHE C 25 32.87 -6.25 -4.53
C PHE C 25 31.80 -7.13 -3.85
N LEU C 26 30.70 -6.51 -3.43
CA LEU C 26 29.64 -7.24 -2.76
C LEU C 26 28.48 -7.71 -3.65
N ASP C 27 28.50 -7.30 -4.91
CA ASP C 27 27.47 -7.69 -5.87
C ASP C 27 26.09 -7.11 -5.60
N ILE C 28 26.04 -5.86 -5.15
CA ILE C 28 24.76 -5.22 -4.89
C ILE C 28 24.25 -4.71 -6.24
N ARG C 29 23.02 -5.09 -6.59
CA ARG C 29 22.43 -4.68 -7.85
C ARG C 29 21.03 -4.08 -7.67
N PHE C 30 20.91 -2.80 -7.99
CA PHE C 30 19.61 -2.14 -7.89
C PHE C 30 18.72 -2.77 -8.95
N GLU C 31 17.47 -3.03 -8.61
CA GLU C 31 16.55 -3.68 -9.55
C GLU C 31 15.22 -2.96 -9.75
N HIS C 32 14.99 -1.89 -9.01
CA HIS C 32 13.73 -1.16 -9.15
C HIS C 32 13.88 0.32 -8.82
N ILE C 33 13.03 1.14 -9.43
CA ILE C 33 13.05 2.58 -9.24
C ILE C 33 11.63 3.15 -9.40
N GLY C 34 10.79 2.96 -8.39
CA GLY C 34 9.43 3.47 -8.48
C GLY C 34 9.37 4.98 -8.28
N ASP C 35 8.17 5.52 -8.08
CA ASP C 35 8.03 6.96 -7.87
C ASP C 35 8.59 7.39 -6.52
N ASP C 36 8.60 6.47 -5.56
CA ASP C 36 9.08 6.77 -4.21
C ASP C 36 9.84 5.64 -3.54
N THR C 37 10.32 4.66 -4.31
CA THR C 37 11.06 3.54 -3.73
C THR C 37 12.23 3.11 -4.61
N LEU C 38 13.27 2.58 -3.96
CA LEU C 38 14.46 2.12 -4.64
C LEU C 38 14.89 0.77 -4.05
N GLU C 39 14.85 -0.28 -4.87
CA GLU C 39 15.23 -1.60 -4.40
C GLU C 39 16.58 -2.05 -4.95
N ALA C 40 17.20 -3.02 -4.29
CA ALA C 40 18.49 -3.55 -4.71
C ALA C 40 18.80 -4.78 -3.89
N THR C 41 19.17 -5.87 -4.56
CA THR C 41 19.47 -7.12 -3.88
C THR C 41 20.96 -7.33 -3.64
N MET C 42 21.27 -8.19 -2.68
CA MET C 42 22.66 -8.50 -2.33
C MET C 42 22.78 -10.01 -2.12
N PRO C 43 23.95 -10.58 -2.46
CA PRO C 43 24.23 -12.02 -2.33
C PRO C 43 24.65 -12.44 -0.93
N VAL C 44 23.99 -13.47 -0.41
CA VAL C 44 24.32 -13.99 0.92
C VAL C 44 25.35 -15.10 0.73
N ASP C 45 26.60 -14.72 0.50
CA ASP C 45 27.65 -15.72 0.30
C ASP C 45 28.89 -15.39 1.11
N SER C 46 29.95 -16.16 0.88
CA SER C 46 31.23 -16.01 1.56
C SER C 46 31.66 -14.55 1.77
N ARG C 47 31.28 -13.69 0.83
CA ARG C 47 31.63 -12.27 0.89
C ARG C 47 30.84 -11.49 1.95
N THR C 48 29.58 -11.89 2.17
CA THR C 48 28.70 -11.21 3.11
C THR C 48 28.31 -12.00 4.37
N LYS C 49 28.96 -13.15 4.59
CA LYS C 49 28.65 -13.97 5.75
C LYS C 49 29.64 -13.79 6.89
N GLN C 50 29.18 -14.10 8.10
CA GLN C 50 30.03 -14.00 9.28
C GLN C 50 30.65 -15.38 9.55
N PRO C 51 31.54 -15.48 10.56
CA PRO C 51 32.19 -16.75 10.91
C PRO C 51 31.29 -17.98 11.10
N PHE C 52 29.98 -17.79 11.05
CA PHE C 52 29.08 -18.91 11.25
C PHE C 52 28.19 -19.24 10.07
N GLY C 53 28.52 -18.67 8.91
CA GLY C 53 27.77 -18.96 7.70
C GLY C 53 26.49 -18.20 7.43
N LEU C 54 26.09 -17.31 8.34
CA LEU C 54 24.87 -16.53 8.15
C LEU C 54 25.23 -15.15 7.62
N LEU C 55 24.22 -14.41 7.17
CA LEU C 55 24.46 -13.05 6.67
C LEU C 55 25.05 -12.21 7.80
N HIS C 56 26.13 -11.49 7.51
CA HIS C 56 26.76 -10.65 8.52
C HIS C 56 25.91 -9.39 8.73
N GLY C 57 25.70 -9.00 9.99
CA GLY C 57 24.91 -7.83 10.30
C GLY C 57 25.45 -6.56 9.65
N GLY C 58 26.77 -6.51 9.49
CA GLY C 58 27.39 -5.36 8.85
C GLY C 58 27.09 -5.34 7.37
N ALA C 59 26.89 -6.53 6.80
CA ALA C 59 26.57 -6.62 5.37
C ALA C 59 25.19 -6.02 5.17
N SER C 60 24.28 -6.30 6.11
CA SER C 60 22.94 -5.76 6.05
C SER C 60 23.00 -4.23 6.10
N VAL C 61 23.85 -3.70 6.96
CA VAL C 61 23.98 -2.26 7.06
C VAL C 61 24.70 -1.65 5.86
N VAL C 62 25.69 -2.37 5.33
CA VAL C 62 26.40 -1.86 4.15
C VAL C 62 25.37 -1.69 3.04
N LEU C 63 24.47 -2.67 2.92
CA LEU C 63 23.44 -2.61 1.89
C LEU C 63 22.53 -1.41 2.14
N ALA C 64 22.01 -1.31 3.35
CA ALA C 64 21.13 -0.21 3.71
C ALA C 64 21.78 1.13 3.35
N GLU C 65 22.94 1.41 3.93
CA GLU C 65 23.66 2.64 3.70
C GLU C 65 24.06 2.90 2.24
N SER C 66 24.18 1.84 1.45
CA SER C 66 24.53 1.99 0.04
C SER C 66 23.29 2.41 -0.74
N ILE C 67 22.14 1.82 -0.42
CA ILE C 67 20.90 2.17 -1.10
C ILE C 67 20.37 3.53 -0.66
N GLY C 68 20.62 3.87 0.60
CA GLY C 68 20.16 5.14 1.13
C GLY C 68 20.99 6.31 0.63
N SER C 69 22.30 6.11 0.52
CA SER C 69 23.20 7.14 0.01
C SER C 69 22.76 7.55 -1.40
N VAL C 70 22.50 6.57 -2.25
CA VAL C 70 22.08 6.89 -3.62
C VAL C 70 20.66 7.45 -3.70
N ALA C 71 19.74 6.93 -2.90
CA ALA C 71 18.38 7.44 -2.94
C ALA C 71 18.44 8.93 -2.55
N GLY C 72 19.19 9.24 -1.50
CA GLY C 72 19.33 10.61 -1.04
C GLY C 72 19.89 11.54 -2.10
N TYR C 73 20.91 11.04 -2.81
CA TYR C 73 21.56 11.80 -3.87
C TYR C 73 20.61 12.09 -5.02
N LEU C 74 19.83 11.08 -5.40
CA LEU C 74 18.89 11.25 -6.49
C LEU C 74 17.78 12.25 -6.12
N CYS C 75 17.73 12.64 -4.85
CA CYS C 75 16.72 13.59 -4.39
C CYS C 75 17.31 14.98 -4.13
N THR C 76 18.49 15.24 -4.69
CA THR C 76 19.09 16.57 -4.58
C THR C 76 19.34 17.02 -6.00
N GLU C 77 19.90 18.20 -6.18
CA GLU C 77 20.14 18.68 -7.54
C GLU C 77 21.40 19.51 -7.66
N GLY C 78 21.83 19.74 -8.89
CA GLY C 78 23.04 20.52 -9.11
C GLY C 78 24.28 19.90 -8.50
N GLU C 79 25.02 20.70 -7.73
CA GLU C 79 26.25 20.24 -7.11
C GLU C 79 26.04 19.72 -5.68
N GLN C 80 24.78 19.67 -5.25
CA GLN C 80 24.49 19.20 -3.91
C GLN C 80 24.93 17.75 -3.75
N LYS C 81 25.09 17.33 -2.50
CA LYS C 81 25.51 15.97 -2.19
C LYS C 81 24.94 15.64 -0.83
N VAL C 82 24.83 14.35 -0.52
CA VAL C 82 24.35 13.95 0.78
C VAL C 82 25.50 13.23 1.50
N VAL C 83 25.56 13.41 2.81
CA VAL C 83 26.57 12.76 3.63
C VAL C 83 25.80 12.01 4.70
N GLY C 84 26.16 10.75 4.90
CA GLY C 84 25.50 9.94 5.90
C GLY C 84 25.87 10.45 7.27
N LEU C 85 24.88 10.60 8.15
CA LEU C 85 25.14 11.08 9.49
C LEU C 85 25.03 9.99 10.55
N GLU C 86 23.88 9.32 10.55
CA GLU C 86 23.61 8.27 11.53
C GLU C 86 22.87 7.17 10.82
N ILE C 87 23.12 5.94 11.24
CA ILE C 87 22.42 4.79 10.70
C ILE C 87 22.18 3.80 11.85
N ASN C 88 21.00 3.18 11.83
CA ASN C 88 20.66 2.22 12.87
C ASN C 88 19.95 1.05 12.20
N ALA C 89 20.16 -0.15 12.72
CA ALA C 89 19.53 -1.33 12.14
C ALA C 89 19.18 -2.33 13.23
N ASN C 90 18.11 -3.06 13.02
CA ASN C 90 17.67 -4.06 13.98
C ASN C 90 17.60 -5.38 13.24
N HIS C 91 18.47 -6.30 13.63
CA HIS C 91 18.51 -7.62 13.00
C HIS C 91 17.45 -8.47 13.66
N VAL C 92 16.34 -8.67 12.94
CA VAL C 92 15.22 -9.43 13.47
C VAL C 92 15.15 -10.85 12.95
N ARG C 93 15.97 -11.17 11.96
CA ARG C 93 15.98 -12.51 11.39
C ARG C 93 17.22 -12.74 10.57
N SER C 94 17.77 -13.93 10.71
CA SER C 94 18.96 -14.31 9.97
C SER C 94 18.54 -14.83 8.59
N ALA C 95 19.53 -14.97 7.72
CA ALA C 95 19.34 -15.48 6.37
C ALA C 95 20.65 -16.19 6.07
N ARG C 96 20.59 -17.31 5.36
CA ARG C 96 21.80 -18.07 5.07
C ARG C 96 22.04 -18.42 3.60
N GLU C 97 21.05 -18.14 2.76
CA GLU C 97 21.17 -18.46 1.34
C GLU C 97 20.39 -17.51 0.42
N GLY C 98 20.76 -17.53 -0.86
CA GLY C 98 20.10 -16.70 -1.86
C GLY C 98 20.51 -15.24 -1.85
N ARG C 99 19.53 -14.37 -2.09
CA ARG C 99 19.77 -12.93 -2.12
C ARG C 99 18.77 -12.22 -1.20
N VAL C 100 19.26 -11.23 -0.45
CA VAL C 100 18.43 -10.43 0.42
C VAL C 100 18.10 -9.14 -0.33
N ARG C 101 16.86 -8.69 -0.24
CA ARG C 101 16.43 -7.47 -0.93
C ARG C 101 16.17 -6.35 0.07
N GLY C 102 16.67 -5.17 -0.23
CA GLY C 102 16.47 -4.03 0.65
C GLY C 102 15.58 -3.02 -0.05
N VAL C 103 14.44 -2.71 0.55
CA VAL C 103 13.51 -1.75 -0.05
C VAL C 103 13.61 -0.41 0.67
N CYS C 104 14.13 0.58 -0.05
CA CYS C 104 14.34 1.90 0.49
C CYS C 104 13.30 2.96 0.13
N LYS C 105 12.71 3.57 1.13
CA LYS C 105 11.72 4.62 0.92
C LYS C 105 12.00 5.77 1.89
N PRO C 106 11.57 6.98 1.55
CA PRO C 106 11.83 8.11 2.44
C PRO C 106 10.86 8.22 3.61
N LEU C 107 11.35 8.68 4.74
CA LEU C 107 10.48 8.89 5.89
C LEU C 107 10.33 10.40 5.90
N HIS C 108 11.39 11.08 5.48
CA HIS C 108 11.34 12.52 5.38
C HIS C 108 12.38 13.08 4.43
N LEU C 109 11.91 13.94 3.52
CA LEU C 109 12.79 14.56 2.56
C LEU C 109 12.82 16.04 2.80
N GLY C 110 13.71 16.47 3.69
CA GLY C 110 13.84 17.87 4.01
C GLY C 110 14.73 18.58 3.00
N SER C 111 15.05 19.82 3.30
CA SER C 111 15.89 20.63 2.41
C SER C 111 17.32 20.60 2.92
N ARG C 112 17.48 20.19 4.17
CA ARG C 112 18.79 20.11 4.79
C ARG C 112 19.17 18.69 5.21
N HIS C 113 18.16 17.88 5.55
CA HIS C 113 18.40 16.51 5.99
C HIS C 113 17.36 15.56 5.45
N GLN C 114 17.71 14.28 5.37
CA GLN C 114 16.77 13.28 4.89
C GLN C 114 16.78 12.09 5.82
N VAL C 115 15.68 11.36 5.85
CA VAL C 115 15.61 10.17 6.68
C VAL C 115 15.06 9.06 5.79
N TRP C 116 15.84 7.99 5.66
CA TRP C 116 15.44 6.87 4.82
C TRP C 116 15.20 5.61 5.63
N GLN C 117 14.22 4.84 5.21
CA GLN C 117 13.90 3.59 5.86
C GLN C 117 14.23 2.46 4.89
N ILE C 118 15.10 1.55 5.31
CA ILE C 118 15.48 0.43 4.48
C ILE C 118 15.11 -0.89 5.16
N GLU C 119 14.12 -1.58 4.60
CA GLU C 119 13.71 -2.88 5.15
C GLU C 119 14.32 -3.94 4.24
N ILE C 120 15.07 -4.86 4.83
CA ILE C 120 15.73 -5.92 4.10
C ILE C 120 14.99 -7.24 4.34
N PHE C 121 14.60 -7.88 3.24
CA PHE C 121 13.87 -9.14 3.31
C PHE C 121 14.69 -10.30 2.74
N ASP C 122 14.30 -11.52 3.08
CA ASP C 122 14.99 -12.70 2.57
C ASP C 122 14.21 -13.11 1.31
N GLU C 123 14.72 -14.10 0.60
CA GLU C 123 14.04 -14.57 -0.61
C GLU C 123 12.59 -14.94 -0.35
N LYS C 124 12.28 -15.31 0.89
CA LYS C 124 10.93 -15.69 1.28
C LYS C 124 10.07 -14.46 1.60
N GLY C 125 10.66 -13.28 1.47
CA GLY C 125 9.92 -12.07 1.75
C GLY C 125 9.71 -11.78 3.22
N ARG C 126 10.53 -12.41 4.06
CA ARG C 126 10.46 -12.23 5.51
C ARG C 126 11.46 -11.16 5.90
N LEU C 127 11.02 -10.19 6.71
CA LEU C 127 11.90 -9.13 7.16
C LEU C 127 13.11 -9.71 7.88
N CYS C 128 14.30 -9.28 7.49
CA CYS C 128 15.53 -9.78 8.13
C CYS C 128 16.22 -8.64 8.85
N CYS C 129 16.08 -7.43 8.31
CA CYS C 129 16.69 -6.26 8.92
C CYS C 129 15.91 -5.01 8.54
N SER C 130 15.70 -4.15 9.53
CA SER C 130 15.01 -2.90 9.31
C SER C 130 15.99 -1.85 9.80
N SER C 131 16.24 -0.83 8.98
CA SER C 131 17.18 0.21 9.37
C SER C 131 16.76 1.59 8.87
N ARG C 132 17.29 2.62 9.52
CA ARG C 132 17.01 4.00 9.16
C ARG C 132 18.34 4.72 8.95
N LEU C 133 18.40 5.55 7.92
CA LEU C 133 19.62 6.31 7.62
C LEU C 133 19.30 7.80 7.55
N THR C 134 20.01 8.58 8.35
CA THR C 134 19.81 10.01 8.36
C THR C 134 20.96 10.64 7.57
N THR C 135 20.62 11.42 6.56
CA THR C 135 21.62 12.08 5.74
C THR C 135 21.57 13.59 5.91
N ALA C 136 22.66 14.23 5.55
CA ALA C 136 22.76 15.67 5.60
C ALA C 136 22.95 16.09 4.15
N ILE C 137 22.25 17.13 3.74
CA ILE C 137 22.38 17.63 2.38
C ILE C 137 23.43 18.73 2.38
N LEU C 138 24.44 18.60 1.54
CA LEU C 138 25.50 19.60 1.47
C LEU C 138 25.50 20.30 0.13
N GLU C 139 25.76 21.60 0.17
CA GLU C 139 25.78 22.40 -1.05
C GLU C 139 27.10 22.28 -1.80
N SER D 2 40.26 -4.01 35.27
CA SER D 2 39.11 -4.92 35.50
C SER D 2 39.03 -5.97 34.39
N LEU D 3 38.76 -7.22 34.77
CA LEU D 3 38.65 -8.26 33.77
C LEU D 3 37.20 -8.69 33.59
N ILE D 4 36.70 -8.48 32.39
CA ILE D 4 35.33 -8.82 32.05
C ILE D 4 35.24 -10.15 31.30
N TRP D 5 36.31 -10.46 30.56
CA TRP D 5 36.39 -11.68 29.78
C TRP D 5 36.08 -12.91 30.62
N LYS D 6 35.32 -13.84 30.04
CA LYS D 6 34.96 -15.08 30.71
C LYS D 6 35.70 -16.23 30.03
N ARG D 7 36.06 -16.03 28.77
CA ARG D 7 36.78 -17.05 28.02
C ARG D 7 38.19 -16.57 27.75
N LYS D 8 39.06 -17.51 27.38
CA LYS D 8 40.45 -17.19 27.08
C LYS D 8 40.67 -17.37 25.59
N ILE D 9 41.43 -16.46 24.97
CA ILE D 9 41.70 -16.57 23.55
C ILE D 9 42.93 -15.74 23.19
N THR D 10 43.49 -16.02 22.02
CA THR D 10 44.67 -15.32 21.53
C THR D 10 44.40 -14.70 20.17
N LEU D 11 45.07 -13.59 19.87
CA LEU D 11 44.90 -12.90 18.61
C LEU D 11 44.93 -13.93 17.48
N GLU D 12 45.75 -14.97 17.68
CA GLU D 12 45.89 -16.05 16.72
C GLU D 12 44.55 -16.68 16.40
N ALA D 13 43.84 -17.13 17.44
CA ALA D 13 42.54 -17.76 17.25
C ALA D 13 41.53 -16.79 16.64
N LEU D 14 41.47 -15.58 17.16
CA LEU D 14 40.54 -14.57 16.67
C LEU D 14 40.66 -14.39 15.16
N ASN D 15 41.80 -13.86 14.72
CA ASN D 15 42.05 -13.63 13.31
C ASN D 15 41.74 -14.84 12.46
N ALA D 16 41.78 -16.01 13.08
CA ALA D 16 41.50 -17.25 12.36
C ALA D 16 40.02 -17.28 11.99
N MET D 17 39.19 -16.72 12.85
CA MET D 17 37.74 -16.67 12.65
C MET D 17 37.29 -16.03 11.33
N GLY D 18 37.93 -14.92 10.96
CA GLY D 18 37.56 -14.23 9.73
C GLY D 18 37.83 -14.89 8.41
N GLU D 19 38.65 -15.94 8.41
CA GLU D 19 38.98 -16.63 7.16
C GLU D 19 37.79 -17.40 6.60
N GLY D 20 37.42 -17.10 5.36
CA GLY D 20 36.31 -17.79 4.72
C GLY D 20 34.99 -17.03 4.70
N ASN D 21 34.95 -15.91 5.40
CA ASN D 21 33.74 -15.09 5.47
C ASN D 21 34.09 -13.61 5.40
N MET D 22 33.05 -12.76 5.35
CA MET D 22 33.23 -11.31 5.25
C MET D 22 34.41 -10.73 6.00
N VAL D 23 34.54 -11.05 7.28
CA VAL D 23 35.64 -10.53 8.07
C VAL D 23 36.94 -10.70 7.31
N GLY D 24 37.11 -11.88 6.70
CA GLY D 24 38.30 -12.16 5.94
C GLY D 24 38.49 -11.28 4.74
N PHE D 25 37.56 -11.35 3.79
CA PHE D 25 37.63 -10.56 2.56
C PHE D 25 37.66 -9.06 2.79
N LEU D 26 38.02 -8.64 4.00
CA LEU D 26 38.11 -7.23 4.35
C LEU D 26 39.39 -6.94 5.10
N ASP D 27 40.11 -8.00 5.46
CA ASP D 27 41.39 -7.88 6.16
C ASP D 27 41.27 -7.21 7.52
N ILE D 28 40.30 -7.66 8.32
CA ILE D 28 40.10 -7.11 9.67
C ILE D 28 40.91 -7.94 10.65
N ARG D 29 41.96 -7.35 11.20
CA ARG D 29 42.79 -8.06 12.15
C ARG D 29 42.85 -7.40 13.50
N PHE D 30 42.59 -8.18 14.55
CA PHE D 30 42.63 -7.66 15.92
C PHE D 30 44.08 -7.39 16.27
N GLU D 31 44.32 -6.54 17.27
CA GLU D 31 45.70 -6.23 17.63
C GLU D 31 45.88 -5.87 19.10
N HIS D 32 44.99 -6.34 19.94
CA HIS D 32 45.07 -6.09 21.39
C HIS D 32 43.89 -6.72 22.10
N ILE D 33 44.11 -7.13 23.35
CA ILE D 33 43.07 -7.73 24.15
C ILE D 33 43.35 -7.37 25.60
N GLY D 34 42.90 -6.18 26.02
CA GLY D 34 43.12 -5.76 27.38
C GLY D 34 42.21 -6.51 28.33
N ASP D 35 42.23 -6.14 29.60
CA ASP D 35 41.38 -6.81 30.59
C ASP D 35 39.89 -6.55 30.30
N ASP D 36 39.59 -5.39 29.74
CA ASP D 36 38.22 -5.02 29.44
C ASP D 36 38.12 -4.22 28.14
N THR D 37 39.00 -4.51 27.20
CA THR D 37 39.03 -3.81 25.93
C THR D 37 39.48 -4.72 24.80
N LEU D 38 38.97 -4.46 23.60
CA LEU D 38 39.31 -5.24 22.43
C LEU D 38 39.47 -4.34 21.22
N GLU D 39 40.64 -4.39 20.58
CA GLU D 39 40.92 -3.56 19.41
C GLU D 39 41.06 -4.34 18.10
N ALA D 40 40.99 -3.62 16.99
CA ALA D 40 41.11 -4.21 15.66
C ALA D 40 41.25 -3.08 14.64
N THR D 41 41.82 -3.41 13.47
CA THR D 41 41.99 -2.42 12.42
C THR D 41 41.43 -2.94 11.12
N MET D 42 41.40 -2.08 10.11
CA MET D 42 40.86 -2.42 8.80
C MET D 42 41.39 -1.41 7.78
N PRO D 43 41.65 -1.85 6.53
CA PRO D 43 42.15 -0.95 5.50
C PRO D 43 41.09 0.02 4.99
N VAL D 44 41.31 0.59 3.80
CA VAL D 44 40.40 1.52 3.15
C VAL D 44 40.70 1.49 1.65
N ASP D 45 40.03 0.59 0.92
CA ASP D 45 40.28 0.44 -0.53
C ASP D 45 39.04 0.10 -1.35
N SER D 46 39.26 -0.61 -2.47
CA SER D 46 38.17 -0.99 -3.37
C SER D 46 37.22 -2.03 -2.77
N ARG D 47 37.24 -2.15 -1.45
CA ARG D 47 36.38 -3.09 -0.74
C ARG D 47 35.66 -2.40 0.41
N THR D 48 36.31 -1.40 0.99
CA THR D 48 35.72 -0.65 2.10
C THR D 48 35.54 0.82 1.75
N LYS D 49 35.17 1.09 0.50
CA LYS D 49 34.98 2.46 0.05
C LYS D 49 33.72 2.55 -0.80
N GLN D 50 33.13 3.74 -0.82
CA GLN D 50 31.92 3.98 -1.62
C GLN D 50 32.36 4.56 -2.96
N PRO D 51 31.41 4.78 -3.89
CA PRO D 51 31.73 5.31 -5.21
C PRO D 51 32.49 6.63 -5.27
N PHE D 52 32.98 7.13 -4.14
CA PHE D 52 33.70 8.39 -4.14
C PHE D 52 35.06 8.33 -3.46
N GLY D 53 35.51 7.12 -3.13
CA GLY D 53 36.80 6.97 -2.49
C GLY D 53 36.89 7.42 -1.04
N LEU D 54 35.88 7.11 -0.24
CA LEU D 54 35.90 7.47 1.18
C LEU D 54 35.49 6.25 1.98
N LEU D 55 36.01 6.12 3.19
CA LEU D 55 35.65 4.98 4.03
C LEU D 55 34.14 4.88 4.08
N HIS D 56 33.62 3.77 3.55
CA HIS D 56 32.19 3.51 3.50
C HIS D 56 31.65 3.43 4.94
N GLY D 57 30.50 4.03 5.18
CA GLY D 57 29.91 4.03 6.51
C GLY D 57 29.53 2.62 6.96
N GLY D 58 29.04 1.82 6.03
CA GLY D 58 28.67 0.45 6.36
C GLY D 58 29.91 -0.36 6.75
N ALA D 59 31.06 -0.02 6.16
CA ALA D 59 32.31 -0.73 6.46
C ALA D 59 32.66 -0.52 7.92
N SER D 60 32.44 0.69 8.41
CA SER D 60 32.72 0.98 9.82
C SER D 60 31.78 0.15 10.70
N VAL D 61 30.53 0.01 10.28
CA VAL D 61 29.59 -0.78 11.06
C VAL D 61 29.97 -2.26 11.01
N VAL D 62 30.43 -2.71 9.84
CA VAL D 62 30.85 -4.10 9.72
C VAL D 62 31.95 -4.32 10.74
N LEU D 63 32.86 -3.36 10.82
CA LEU D 63 33.99 -3.42 11.74
C LEU D 63 33.54 -3.36 13.19
N ALA D 64 32.60 -2.47 13.47
CA ALA D 64 32.09 -2.33 14.82
C ALA D 64 31.41 -3.63 15.23
N GLU D 65 30.46 -4.12 14.43
CA GLU D 65 29.75 -5.34 14.79
C GLU D 65 30.70 -6.54 14.91
N SER D 66 31.60 -6.71 13.94
CA SER D 66 32.54 -7.82 13.99
C SER D 66 33.24 -7.89 15.35
N ILE D 67 33.78 -6.77 15.83
CA ILE D 67 34.48 -6.73 17.12
C ILE D 67 33.55 -6.92 18.32
N GLY D 68 32.42 -6.21 18.29
CA GLY D 68 31.47 -6.31 19.38
C GLY D 68 30.93 -7.72 19.54
N SER D 69 30.72 -8.41 18.42
CA SER D 69 30.22 -9.78 18.46
C SER D 69 31.15 -10.72 19.22
N VAL D 70 32.43 -10.76 18.83
CA VAL D 70 33.37 -11.65 19.51
C VAL D 70 33.53 -11.24 20.96
N ALA D 71 33.71 -9.94 21.21
CA ALA D 71 33.87 -9.44 22.57
C ALA D 71 32.72 -9.89 23.46
N GLY D 72 31.50 -9.82 22.92
CA GLY D 72 30.35 -10.24 23.70
C GLY D 72 30.48 -11.72 23.97
N TYR D 73 30.97 -12.44 22.96
CA TYR D 73 31.16 -13.89 23.07
C TYR D 73 32.16 -14.22 24.17
N LEU D 74 33.27 -13.48 24.17
CA LEU D 74 34.30 -13.67 25.16
C LEU D 74 33.83 -13.34 26.57
N CYS D 75 32.63 -12.79 26.68
CA CYS D 75 32.08 -12.45 27.99
C CYS D 75 31.02 -13.46 28.44
N THR D 76 30.91 -14.58 27.73
CA THR D 76 29.97 -15.63 28.09
C THR D 76 30.69 -16.92 28.46
N GLU D 77 29.93 -17.92 28.94
CA GLU D 77 30.47 -19.21 29.35
C GLU D 77 29.84 -20.41 28.65
N GLY D 78 30.61 -21.49 28.58
CA GLY D 78 30.14 -22.73 27.98
C GLY D 78 29.51 -22.68 26.61
N GLU D 79 28.29 -23.20 26.52
CA GLU D 79 27.54 -23.25 25.26
C GLU D 79 26.85 -21.91 24.97
N GLN D 80 27.06 -20.92 25.82
CA GLN D 80 26.44 -19.63 25.59
C GLN D 80 26.93 -18.99 24.30
N LYS D 81 26.10 -18.10 23.76
CA LYS D 81 26.42 -17.40 22.53
C LYS D 81 25.71 -16.05 22.56
N VAL D 82 26.13 -15.14 21.68
CA VAL D 82 25.49 -13.84 21.59
C VAL D 82 25.07 -13.59 20.16
N VAL D 83 23.97 -12.87 20.01
CA VAL D 83 23.45 -12.54 18.70
C VAL D 83 23.20 -11.04 18.72
N GLY D 84 23.72 -10.34 17.72
CA GLY D 84 23.52 -8.90 17.69
C GLY D 84 22.06 -8.58 17.44
N LEU D 85 21.49 -7.69 18.24
CA LEU D 85 20.09 -7.31 18.08
C LEU D 85 19.94 -5.95 17.40
N GLU D 86 20.60 -4.94 17.96
CA GLU D 86 20.51 -3.57 17.43
C GLU D 86 21.88 -2.93 17.32
N ILE D 87 22.12 -2.20 16.25
CA ILE D 87 23.38 -1.52 16.09
C ILE D 87 23.15 -0.15 15.45
N ASN D 88 23.91 0.83 15.89
CA ASN D 88 23.78 2.18 15.33
C ASN D 88 25.16 2.81 15.29
N ALA D 89 25.33 3.82 14.45
CA ALA D 89 26.62 4.47 14.32
C ALA D 89 26.53 5.88 13.77
N ASN D 90 27.35 6.77 14.34
CA ASN D 90 27.42 8.15 13.89
C ASN D 90 28.71 8.36 13.13
N HIS D 91 28.61 8.67 11.85
CA HIS D 91 29.79 8.95 11.03
C HIS D 91 30.13 10.44 11.18
N VAL D 92 31.08 10.74 12.06
CA VAL D 92 31.46 12.14 12.31
C VAL D 92 32.70 12.66 11.57
N ARG D 93 33.34 11.81 10.76
CA ARG D 93 34.52 12.23 10.03
C ARG D 93 34.88 11.19 8.98
N SER D 94 35.19 11.64 7.77
CA SER D 94 35.55 10.73 6.69
C SER D 94 36.99 10.22 6.76
N ALA D 95 37.29 9.26 5.88
CA ALA D 95 38.62 8.65 5.78
C ALA D 95 38.79 8.27 4.31
N ARG D 96 40.00 8.44 3.78
CA ARG D 96 40.27 8.10 2.38
C ARG D 96 41.46 7.14 2.17
N GLU D 97 42.31 7.00 3.18
CA GLU D 97 43.45 6.10 3.09
C GLU D 97 43.97 5.61 4.44
N GLY D 98 44.72 4.51 4.40
CA GLY D 98 45.26 3.93 5.62
C GLY D 98 44.33 2.91 6.25
N ARG D 99 44.50 2.66 7.54
CA ARG D 99 43.67 1.71 8.26
C ARG D 99 43.05 2.37 9.48
N VAL D 100 41.80 2.00 9.77
CA VAL D 100 41.11 2.55 10.93
C VAL D 100 41.15 1.53 12.06
N ARG D 101 41.27 2.02 13.28
CA ARG D 101 41.33 1.15 14.45
C ARG D 101 40.07 1.26 15.31
N GLY D 102 39.40 0.14 15.51
CA GLY D 102 38.21 0.14 16.33
C GLY D 102 38.55 -0.26 17.76
N VAL D 103 38.05 0.50 18.72
CA VAL D 103 38.28 0.23 20.13
C VAL D 103 36.93 -0.10 20.78
N CYS D 104 36.76 -1.36 21.15
CA CYS D 104 35.52 -1.81 21.76
C CYS D 104 35.60 -1.97 23.27
N LYS D 105 34.65 -1.34 23.96
CA LYS D 105 34.58 -1.39 25.42
C LYS D 105 33.13 -1.70 25.79
N PRO D 106 32.90 -2.25 26.99
CA PRO D 106 31.52 -2.57 27.36
C PRO D 106 30.84 -1.39 28.02
N LEU D 107 29.54 -1.24 27.78
CA LEU D 107 28.77 -0.18 28.40
C LEU D 107 27.90 -0.86 29.45
N HIS D 108 27.62 -2.13 29.18
CA HIS D 108 26.81 -2.93 30.08
C HIS D 108 26.94 -4.41 29.74
N LEU D 109 27.27 -5.20 30.74
CA LEU D 109 27.40 -6.65 30.57
C LEU D 109 26.42 -7.34 31.52
N GLY D 110 25.21 -7.54 31.04
CA GLY D 110 24.20 -8.18 31.87
C GLY D 110 24.17 -9.68 31.67
N SER D 111 23.27 -10.33 32.40
CA SER D 111 23.11 -11.77 32.32
C SER D 111 22.30 -12.22 31.11
N ARG D 112 21.50 -11.32 30.55
CA ARG D 112 20.69 -11.66 29.40
C ARG D 112 21.04 -10.84 28.14
N HIS D 113 21.65 -9.66 28.33
CA HIS D 113 22.03 -8.82 27.18
C HIS D 113 23.22 -7.92 27.48
N GLN D 114 23.84 -7.41 26.43
CA GLN D 114 25.00 -6.55 26.55
C GLN D 114 24.91 -5.35 25.64
N VAL D 115 25.66 -4.32 25.97
CA VAL D 115 25.71 -3.10 25.18
C VAL D 115 27.19 -2.77 25.00
N TRP D 116 27.63 -2.71 23.76
CA TRP D 116 29.01 -2.40 23.44
C TRP D 116 29.17 -1.10 22.67
N GLN D 117 30.22 -0.33 22.98
CA GLN D 117 30.50 0.92 22.29
C GLN D 117 31.81 0.71 21.53
N ILE D 118 31.79 1.03 20.24
CA ILE D 118 32.98 0.88 19.44
C ILE D 118 33.33 2.19 18.74
N GLU D 119 34.41 2.81 19.18
CA GLU D 119 34.88 4.05 18.59
C GLU D 119 35.94 3.70 17.56
N ILE D 120 35.77 4.24 16.36
CA ILE D 120 36.70 3.98 15.29
C ILE D 120 37.52 5.24 15.02
N PHE D 121 38.84 5.10 15.00
CA PHE D 121 39.75 6.22 14.75
C PHE D 121 40.62 5.89 13.56
N ASP D 122 41.11 6.94 12.88
CA ASP D 122 41.97 6.72 11.72
C ASP D 122 43.43 6.71 12.17
N GLU D 123 44.35 6.43 11.26
CA GLU D 123 45.78 6.37 11.62
C GLU D 123 46.25 7.58 12.43
N LYS D 124 45.76 8.77 12.09
CA LYS D 124 46.14 9.98 12.82
C LYS D 124 45.52 9.98 14.21
N GLY D 125 44.56 9.08 14.43
CA GLY D 125 43.90 9.01 15.71
C GLY D 125 42.64 9.86 15.74
N ARG D 126 42.18 10.27 14.57
CA ARG D 126 40.98 11.10 14.45
C ARG D 126 39.69 10.26 14.41
N LEU D 127 38.80 10.51 15.37
CA LEU D 127 37.54 9.78 15.43
C LEU D 127 36.72 9.91 14.15
N CYS D 128 36.36 8.79 13.56
CA CYS D 128 35.58 8.78 12.32
C CYS D 128 34.18 8.20 12.53
N CYS D 129 34.04 7.28 13.48
CA CYS D 129 32.75 6.68 13.74
C CYS D 129 32.56 6.21 15.17
N SER D 130 31.36 6.42 15.68
CA SER D 130 31.00 6.03 17.03
C SER D 130 29.74 5.17 16.93
N SER D 131 29.84 3.91 17.33
CA SER D 131 28.69 3.01 17.25
C SER D 131 28.44 2.25 18.54
N ARG D 132 27.21 1.76 18.66
CA ARG D 132 26.80 0.96 19.81
C ARG D 132 26.18 -0.33 19.29
N LEU D 133 26.39 -1.41 20.03
CA LEU D 133 25.84 -2.71 19.66
C LEU D 133 25.13 -3.29 20.87
N THR D 134 23.88 -3.68 20.68
CA THR D 134 23.09 -4.29 21.76
C THR D 134 22.92 -5.75 21.37
N THR D 135 23.36 -6.65 22.23
CA THR D 135 23.26 -8.07 21.96
C THR D 135 22.48 -8.80 23.03
N ALA D 136 22.03 -10.01 22.68
CA ALA D 136 21.31 -10.84 23.61
C ALA D 136 22.14 -12.10 23.86
N ILE D 137 22.17 -12.56 25.10
CA ILE D 137 22.91 -13.77 25.41
C ILE D 137 21.93 -14.92 25.31
N LEU D 138 22.21 -15.87 24.42
CA LEU D 138 21.34 -17.02 24.28
C LEU D 138 22.02 -18.22 24.92
N GLU D 139 21.29 -18.91 25.78
CA GLU D 139 21.83 -20.08 26.46
C GLU D 139 22.12 -21.23 25.48
N SER E 2 -25.61 3.19 9.83
CA SER E 2 -24.71 2.22 10.52
C SER E 2 -23.27 2.36 10.00
N LEU E 3 -22.37 2.72 10.90
CA LEU E 3 -20.95 2.94 10.59
C LEU E 3 -20.26 1.75 9.91
N ILE E 4 -19.70 2.00 8.73
CA ILE E 4 -19.01 0.94 7.99
C ILE E 4 -17.48 1.11 8.00
N TRP E 5 -17.03 2.35 8.12
CA TRP E 5 -15.59 2.66 8.10
C TRP E 5 -14.79 2.11 9.30
N LYS E 6 -13.60 1.57 9.00
CA LYS E 6 -12.71 1.05 10.03
C LYS E 6 -11.60 2.08 10.26
N ARG E 7 -11.55 3.09 9.41
CA ARG E 7 -10.54 4.13 9.51
C ARG E 7 -11.25 5.48 9.56
N LYS E 8 -10.87 6.32 10.51
CA LYS E 8 -11.44 7.65 10.66
C LYS E 8 -10.61 8.64 9.83
N ILE E 9 -11.27 9.54 9.13
CA ILE E 9 -10.59 10.52 8.30
C ILE E 9 -11.42 11.80 8.15
N THR E 10 -10.78 12.95 8.00
CA THR E 10 -11.50 14.21 7.84
C THR E 10 -11.58 14.59 6.36
N LEU E 11 -12.49 15.51 6.03
CA LEU E 11 -12.60 15.96 4.65
C LEU E 11 -11.25 16.51 4.21
N GLU E 12 -10.61 17.24 5.13
CA GLU E 12 -9.31 17.82 4.85
C GLU E 12 -8.27 16.76 4.50
N ALA E 13 -8.08 15.76 5.34
CA ALA E 13 -7.09 14.72 5.07
C ALA E 13 -7.46 14.00 3.76
N LEU E 14 -8.75 13.78 3.55
CA LEU E 14 -9.23 13.11 2.36
C LEU E 14 -8.87 13.89 1.09
N ASN E 15 -9.17 15.19 1.07
CA ASN E 15 -8.87 16.00 -0.10
C ASN E 15 -7.38 16.27 -0.28
N ALA E 16 -6.61 16.16 0.79
CA ALA E 16 -5.17 16.37 0.70
C ALA E 16 -4.59 15.25 -0.15
N MET E 17 -5.21 14.07 -0.07
CA MET E 17 -4.81 12.88 -0.80
C MET E 17 -4.68 13.08 -2.31
N GLY E 18 -5.66 13.75 -2.91
CA GLY E 18 -5.65 13.95 -4.35
C GLY E 18 -4.72 15.02 -4.88
N GLU E 19 -4.01 15.71 -4.00
CA GLU E 19 -3.10 16.78 -4.40
C GLU E 19 -1.92 16.29 -5.22
N GLY E 20 -1.74 16.86 -6.41
CA GLY E 20 -0.63 16.47 -7.26
C GLY E 20 -0.90 15.27 -8.15
N ASN E 21 -2.13 14.75 -8.12
CA ASN E 21 -2.46 13.61 -8.97
C ASN E 21 -3.82 13.82 -9.62
N MET E 22 -4.24 12.87 -10.45
CA MET E 22 -5.51 12.98 -11.17
C MET E 22 -6.68 13.57 -10.39
N VAL E 23 -6.94 13.03 -9.22
CA VAL E 23 -8.03 13.52 -8.39
C VAL E 23 -7.98 15.04 -8.20
N GLY E 24 -6.83 15.56 -7.77
CA GLY E 24 -6.71 16.99 -7.58
C GLY E 24 -6.87 17.73 -8.90
N PHE E 25 -6.16 17.24 -9.91
CA PHE E 25 -6.17 17.79 -11.25
C PHE E 25 -7.57 18.05 -11.82
N LEU E 26 -8.50 17.12 -11.57
CA LEU E 26 -9.86 17.26 -12.05
C LEU E 26 -10.78 17.98 -11.09
N ASP E 27 -10.18 18.55 -10.04
CA ASP E 27 -10.90 19.30 -9.03
C ASP E 27 -11.97 18.46 -8.35
N ILE E 28 -11.65 17.20 -8.09
CA ILE E 28 -12.60 16.32 -7.41
C ILE E 28 -12.48 16.61 -5.92
N ARG E 29 -13.58 16.97 -5.28
CA ARG E 29 -13.55 17.27 -3.85
C ARG E 29 -14.54 16.43 -3.06
N PHE E 30 -14.08 15.83 -1.97
CA PHE E 30 -14.97 15.06 -1.12
C PHE E 30 -15.72 16.08 -0.27
N GLU E 31 -17.00 15.82 0.00
CA GLU E 31 -17.80 16.78 0.75
C GLU E 31 -18.61 16.20 1.88
N HIS E 32 -18.81 14.89 1.87
CA HIS E 32 -19.59 14.27 2.93
C HIS E 32 -19.13 12.86 3.23
N ILE E 33 -18.91 12.59 4.51
CA ILE E 33 -18.53 11.27 4.96
C ILE E 33 -19.66 10.86 5.87
N GLY E 34 -20.51 9.94 5.41
CA GLY E 34 -21.60 9.48 6.24
C GLY E 34 -21.15 8.19 6.90
N ASP E 35 -22.05 7.55 7.63
CA ASP E 35 -21.73 6.29 8.29
C ASP E 35 -21.44 5.21 7.25
N ASP E 36 -22.18 5.27 6.15
CA ASP E 36 -22.07 4.28 5.07
C ASP E 36 -22.02 4.83 3.63
N THR E 37 -21.78 6.13 3.48
CA THR E 37 -21.70 6.69 2.14
C THR E 37 -20.60 7.73 2.07
N LEU E 38 -20.03 7.89 0.88
CA LEU E 38 -18.96 8.85 0.65
C LEU E 38 -19.34 9.62 -0.59
N GLU E 39 -19.27 10.96 -0.52
CA GLU E 39 -19.64 11.78 -1.66
C GLU E 39 -18.60 12.83 -2.01
N ALA E 40 -18.40 13.00 -3.31
CA ALA E 40 -17.45 13.96 -3.84
C ALA E 40 -18.08 14.59 -5.08
N THR E 41 -17.72 15.84 -5.35
CA THR E 41 -18.25 16.53 -6.51
C THR E 41 -17.09 16.76 -7.47
N MET E 42 -17.43 16.98 -8.74
CA MET E 42 -16.44 17.22 -9.77
C MET E 42 -17.09 18.18 -10.74
N PRO E 43 -16.33 19.18 -11.22
CA PRO E 43 -16.91 20.14 -12.16
C PRO E 43 -16.93 19.64 -13.59
N VAL E 44 -17.93 20.09 -14.35
CA VAL E 44 -18.04 19.74 -15.76
C VAL E 44 -17.40 20.94 -16.45
N ASP E 45 -16.14 20.77 -16.86
CA ASP E 45 -15.42 21.86 -17.49
C ASP E 45 -14.45 21.42 -18.59
N SER E 46 -13.49 22.28 -18.91
CA SER E 46 -12.52 22.01 -19.96
C SER E 46 -11.69 20.75 -19.76
N ARG E 47 -11.53 20.31 -18.51
CA ARG E 47 -10.75 19.11 -18.23
C ARG E 47 -11.59 17.84 -18.13
N THR E 48 -12.89 17.99 -17.93
CA THR E 48 -13.76 16.82 -17.80
C THR E 48 -14.78 16.67 -18.93
N LYS E 49 -14.67 17.50 -19.96
CA LYS E 49 -15.61 17.45 -21.09
C LYS E 49 -15.06 16.70 -22.30
N GLN E 50 -15.96 16.15 -23.09
CA GLN E 50 -15.57 15.46 -24.32
C GLN E 50 -15.61 16.55 -25.40
N PRO E 51 -15.23 16.24 -26.65
CA PRO E 51 -15.23 17.24 -27.73
C PRO E 51 -16.52 18.04 -28.01
N PHE E 52 -17.66 17.60 -27.48
CA PHE E 52 -18.92 18.29 -27.71
C PHE E 52 -19.49 19.02 -26.50
N GLY E 53 -18.61 19.47 -25.61
CA GLY E 53 -19.03 20.21 -24.45
C GLY E 53 -19.84 19.49 -23.39
N LEU E 54 -19.85 18.16 -23.43
CA LEU E 54 -20.59 17.41 -22.43
C LEU E 54 -19.62 16.66 -21.52
N LEU E 55 -20.08 16.34 -20.31
CA LEU E 55 -19.26 15.60 -19.36
C LEU E 55 -18.79 14.32 -20.04
N HIS E 56 -17.49 14.19 -20.19
CA HIS E 56 -16.87 13.03 -20.82
C HIS E 56 -17.25 11.77 -20.03
N GLY E 57 -17.68 10.73 -20.73
CA GLY E 57 -18.06 9.50 -20.04
C GLY E 57 -16.94 8.96 -19.16
N GLY E 58 -15.72 9.05 -19.65
CA GLY E 58 -14.58 8.57 -18.86
C GLY E 58 -14.32 9.39 -17.60
N ALA E 59 -14.76 10.66 -17.59
CA ALA E 59 -14.56 11.51 -16.43
C ALA E 59 -15.48 11.02 -15.31
N SER E 60 -16.68 10.56 -15.69
CA SER E 60 -17.60 10.04 -14.68
C SER E 60 -16.96 8.80 -14.04
N VAL E 61 -16.25 8.01 -14.83
CA VAL E 61 -15.61 6.82 -14.29
C VAL E 61 -14.45 7.19 -13.36
N VAL E 62 -13.68 8.23 -13.71
CA VAL E 62 -12.58 8.66 -12.86
C VAL E 62 -13.18 9.02 -11.50
N LEU E 63 -14.28 9.78 -11.53
CA LEU E 63 -14.96 10.15 -10.31
C LEU E 63 -15.42 8.91 -9.53
N ALA E 64 -16.05 7.97 -10.24
CA ALA E 64 -16.54 6.75 -9.61
C ALA E 64 -15.43 5.93 -8.96
N GLU E 65 -14.38 5.61 -9.72
CA GLU E 65 -13.28 4.83 -9.14
C GLU E 65 -12.53 5.62 -8.05
N SER E 66 -12.42 6.93 -8.19
CA SER E 66 -11.73 7.73 -7.18
C SER E 66 -12.40 7.59 -5.80
N ILE E 67 -13.71 7.73 -5.76
CA ILE E 67 -14.43 7.63 -4.50
C ILE E 67 -14.41 6.19 -4.00
N GLY E 68 -14.72 5.28 -4.91
CA GLY E 68 -14.78 3.87 -4.56
C GLY E 68 -13.48 3.30 -4.05
N SER E 69 -12.36 3.74 -4.59
CA SER E 69 -11.06 3.21 -4.14
C SER E 69 -10.78 3.67 -2.72
N VAL E 70 -11.02 4.95 -2.45
CA VAL E 70 -10.80 5.48 -1.11
C VAL E 70 -11.81 4.87 -0.12
N ALA E 71 -13.05 4.71 -0.54
CA ALA E 71 -14.06 4.12 0.33
C ALA E 71 -13.59 2.72 0.72
N GLY E 72 -13.11 1.98 -0.27
CA GLY E 72 -12.64 0.64 -0.05
C GLY E 72 -11.53 0.63 0.99
N TYR E 73 -10.59 1.54 0.83
CA TYR E 73 -9.46 1.66 1.73
C TYR E 73 -9.93 1.98 3.16
N LEU E 74 -10.97 2.80 3.28
CA LEU E 74 -11.48 3.20 4.59
C LEU E 74 -12.14 2.06 5.36
N CYS E 75 -12.50 0.99 4.66
CA CYS E 75 -13.13 -0.16 5.28
C CYS E 75 -12.13 -1.29 5.53
N THR E 76 -10.84 -0.96 5.46
CA THR E 76 -9.80 -1.95 5.70
C THR E 76 -9.06 -1.52 6.97
N GLU E 77 -8.16 -2.36 7.44
CA GLU E 77 -7.43 -2.01 8.66
C GLU E 77 -5.93 -2.29 8.57
N GLY E 78 -5.19 -1.64 9.46
CA GLY E 78 -3.75 -1.82 9.47
C GLY E 78 -3.06 -1.56 8.14
N GLU E 79 -2.20 -2.50 7.75
CA GLU E 79 -1.45 -2.42 6.50
C GLU E 79 -2.24 -2.81 5.25
N GLN E 80 -3.47 -3.30 5.44
CA GLN E 80 -4.30 -3.71 4.28
C GLN E 80 -4.56 -2.57 3.29
N LYS E 81 -4.75 -2.95 2.02
CA LYS E 81 -5.05 -1.98 0.96
C LYS E 81 -6.04 -2.62 0.00
N VAL E 82 -6.57 -1.83 -0.95
CA VAL E 82 -7.47 -2.39 -1.95
C VAL E 82 -7.01 -1.98 -3.32
N VAL E 83 -7.18 -2.88 -4.27
CA VAL E 83 -6.83 -2.61 -5.65
C VAL E 83 -8.09 -2.82 -6.50
N GLY E 84 -8.35 -1.91 -7.41
CA GLY E 84 -9.53 -2.03 -8.27
C GLY E 84 -9.32 -3.16 -9.26
N LEU E 85 -10.35 -3.97 -9.48
CA LEU E 85 -10.20 -5.08 -10.42
C LEU E 85 -11.04 -4.84 -11.67
N GLU E 86 -12.29 -4.46 -11.46
CA GLU E 86 -13.20 -4.23 -12.57
C GLU E 86 -14.14 -3.08 -12.22
N ILE E 87 -14.43 -2.26 -13.22
CA ILE E 87 -15.35 -1.15 -13.04
C ILE E 87 -16.25 -1.10 -14.25
N ASN E 88 -17.52 -0.82 -14.00
CA ASN E 88 -18.48 -0.72 -15.07
C ASN E 88 -19.30 0.51 -14.79
N ALA E 89 -19.93 1.04 -15.84
CA ALA E 89 -20.76 2.22 -15.68
C ALA E 89 -21.68 2.37 -16.89
N ASN E 90 -22.81 3.00 -16.66
CA ASN E 90 -23.79 3.24 -17.71
C ASN E 90 -24.10 4.72 -17.70
N HIS E 91 -23.97 5.35 -18.86
CA HIS E 91 -24.23 6.78 -18.98
C HIS E 91 -25.67 6.94 -19.39
N VAL E 92 -26.53 7.24 -18.42
CA VAL E 92 -27.97 7.41 -18.67
C VAL E 92 -28.40 8.83 -19.04
N ARG E 93 -27.61 9.82 -18.66
CA ARG E 93 -27.93 11.20 -18.96
C ARG E 93 -26.63 12.00 -19.04
N SER E 94 -26.58 12.97 -19.95
CA SER E 94 -25.38 13.78 -20.10
C SER E 94 -25.42 15.02 -19.20
N ALA E 95 -24.28 15.68 -19.07
CA ALA E 95 -24.16 16.88 -18.24
C ALA E 95 -23.30 17.87 -19.02
N ARG E 96 -23.46 19.15 -18.75
CA ARG E 96 -22.68 20.15 -19.46
C ARG E 96 -22.31 21.38 -18.64
N GLU E 97 -22.82 21.47 -17.41
CA GLU E 97 -22.53 22.63 -16.57
C GLU E 97 -22.49 22.38 -15.07
N GLY E 98 -21.71 23.20 -14.37
CA GLY E 98 -21.61 23.09 -12.93
C GLY E 98 -20.83 21.91 -12.43
N ARG E 99 -21.27 21.35 -11.30
CA ARG E 99 -20.60 20.23 -10.69
C ARG E 99 -21.53 19.03 -10.49
N VAL E 100 -21.08 17.85 -10.92
CA VAL E 100 -21.86 16.63 -10.75
C VAL E 100 -21.39 16.05 -9.42
N ARG E 101 -22.26 15.30 -8.75
CA ARG E 101 -21.92 14.73 -7.46
C ARG E 101 -22.01 13.21 -7.44
N GLY E 102 -20.96 12.58 -6.92
CA GLY E 102 -20.93 11.13 -6.83
C GLY E 102 -21.24 10.69 -5.43
N VAL E 103 -22.15 9.73 -5.31
CA VAL E 103 -22.55 9.18 -4.02
C VAL E 103 -22.14 7.72 -4.07
N CYS E 104 -21.29 7.31 -3.14
CA CYS E 104 -20.79 5.94 -3.11
C CYS E 104 -21.24 5.16 -1.86
N LYS E 105 -21.87 4.01 -2.09
CA LYS E 105 -22.34 3.15 -1.00
C LYS E 105 -21.86 1.75 -1.32
N PRO E 106 -21.71 0.89 -0.30
CA PRO E 106 -21.25 -0.49 -0.51
C PRO E 106 -22.33 -1.49 -0.91
N LEU E 107 -21.94 -2.46 -1.74
CA LEU E 107 -22.85 -3.51 -2.15
C LEU E 107 -22.35 -4.75 -1.41
N HIS E 108 -21.02 -4.86 -1.29
CA HIS E 108 -20.44 -5.99 -0.60
C HIS E 108 -19.14 -5.66 0.11
N LEU E 109 -19.10 -5.95 1.42
CA LEU E 109 -17.93 -5.71 2.24
C LEU E 109 -17.46 -7.01 2.85
N GLY E 110 -16.63 -7.75 2.11
CA GLY E 110 -16.14 -9.02 2.57
C GLY E 110 -14.70 -8.96 3.02
N SER E 111 -14.14 -10.12 3.35
CA SER E 111 -12.76 -10.21 3.81
C SER E 111 -11.72 -10.20 2.70
N ARG E 112 -12.11 -10.58 1.50
CA ARG E 112 -11.17 -10.61 0.38
C ARG E 112 -11.55 -9.71 -0.80
N HIS E 113 -12.81 -9.27 -0.87
CA HIS E 113 -13.23 -8.39 -1.97
C HIS E 113 -14.37 -7.47 -1.57
N GLN E 114 -14.54 -6.39 -2.34
CA GLN E 114 -15.60 -5.43 -2.09
C GLN E 114 -16.25 -5.01 -3.41
N VAL E 115 -17.51 -4.63 -3.35
CA VAL E 115 -18.22 -4.15 -4.52
C VAL E 115 -18.87 -2.83 -4.12
N TRP E 116 -18.49 -1.77 -4.79
CA TRP E 116 -19.05 -0.47 -4.49
C TRP E 116 -19.94 0.04 -5.60
N GLN E 117 -21.00 0.73 -5.21
CA GLN E 117 -21.92 1.32 -6.16
C GLN E 117 -21.79 2.83 -6.07
N ILE E 118 -21.50 3.47 -7.20
CA ILE E 118 -21.39 4.92 -7.21
C ILE E 118 -22.37 5.49 -8.21
N GLU E 119 -23.26 6.35 -7.71
CA GLU E 119 -24.25 7.02 -8.55
C GLU E 119 -23.83 8.47 -8.66
N ILE E 120 -23.86 9.00 -9.87
CA ILE E 120 -23.46 10.38 -10.12
C ILE E 120 -24.66 11.18 -10.61
N PHE E 121 -24.91 12.30 -9.94
CA PHE E 121 -26.02 13.19 -10.25
C PHE E 121 -25.56 14.57 -10.69
N ASP E 122 -26.37 15.23 -11.52
CA ASP E 122 -26.04 16.58 -11.98
C ASP E 122 -26.58 17.55 -10.93
N GLU E 123 -26.42 18.85 -11.16
CA GLU E 123 -26.87 19.83 -10.20
C GLU E 123 -28.35 19.80 -9.82
N LYS E 124 -29.18 19.12 -10.60
CA LYS E 124 -30.61 19.06 -10.29
C LYS E 124 -31.05 17.76 -9.62
N GLY E 125 -30.08 16.95 -9.21
CA GLY E 125 -30.39 15.69 -8.56
C GLY E 125 -30.72 14.57 -9.52
N ARG E 126 -30.45 14.78 -10.80
CA ARG E 126 -30.74 13.77 -11.81
C ARG E 126 -29.56 12.84 -12.05
N LEU E 127 -29.81 11.54 -12.01
CA LEU E 127 -28.78 10.54 -12.22
C LEU E 127 -28.25 10.69 -13.64
N CYS E 128 -26.94 10.62 -13.80
CA CYS E 128 -26.32 10.73 -15.12
C CYS E 128 -25.46 9.52 -15.40
N CYS E 129 -24.95 8.90 -14.34
CA CYS E 129 -24.09 7.73 -14.48
C CYS E 129 -24.22 6.78 -13.30
N SER E 130 -24.38 5.49 -13.57
CA SER E 130 -24.51 4.48 -12.53
C SER E 130 -23.32 3.56 -12.71
N SER E 131 -22.54 3.39 -11.66
CA SER E 131 -21.34 2.58 -11.76
C SER E 131 -21.12 1.66 -10.58
N ARG E 132 -20.43 0.56 -10.85
CA ARG E 132 -20.08 -0.42 -9.84
C ARG E 132 -18.58 -0.64 -9.97
N LEU E 133 -17.90 -0.71 -8.83
CA LEU E 133 -16.47 -0.94 -8.78
C LEU E 133 -16.22 -2.15 -7.90
N THR E 134 -15.43 -3.09 -8.42
CA THR E 134 -15.11 -4.29 -7.67
C THR E 134 -13.64 -4.22 -7.25
N THR E 135 -13.39 -4.34 -5.95
CA THR E 135 -12.01 -4.27 -5.46
C THR E 135 -11.58 -5.57 -4.82
N ALA E 136 -10.26 -5.72 -4.72
CA ALA E 136 -9.65 -6.87 -4.07
C ALA E 136 -8.91 -6.31 -2.86
N ILE E 137 -9.09 -6.96 -1.71
CA ILE E 137 -8.43 -6.52 -0.49
C ILE E 137 -7.08 -7.24 -0.35
N LEU E 138 -6.01 -6.47 -0.26
CA LEU E 138 -4.68 -7.04 -0.14
C LEU E 138 -4.08 -6.86 1.25
N GLU E 139 -3.35 -7.87 1.70
CA GLU E 139 -2.70 -7.83 3.01
C GLU E 139 -1.29 -7.32 2.79
N SER F 2 -11.71 -6.07 -42.42
CA SER F 2 -12.41 -5.27 -43.46
C SER F 2 -12.28 -3.78 -43.17
N LEU F 3 -12.85 -2.96 -44.06
CA LEU F 3 -12.84 -1.51 -43.90
C LEU F 3 -14.11 -1.10 -43.18
N ILE F 4 -13.99 -0.81 -41.89
CA ILE F 4 -15.15 -0.45 -41.08
C ILE F 4 -15.59 1.01 -41.15
N TRP F 5 -14.67 1.90 -41.49
CA TRP F 5 -14.99 3.33 -41.54
C TRP F 5 -15.96 3.71 -42.66
N LYS F 6 -16.90 4.60 -42.34
CA LYS F 6 -17.86 5.09 -43.32
C LYS F 6 -17.59 6.58 -43.49
N ARG F 7 -16.58 7.06 -42.77
CA ARG F 7 -16.15 8.45 -42.83
C ARG F 7 -14.64 8.43 -42.99
N LYS F 8 -14.11 9.35 -43.80
CA LYS F 8 -12.67 9.42 -43.99
C LYS F 8 -12.21 10.54 -43.07
N ILE F 9 -10.99 10.44 -42.55
CA ILE F 9 -10.49 11.49 -41.68
C ILE F 9 -9.00 11.35 -41.40
N THR F 10 -8.34 12.48 -41.13
CA THR F 10 -6.91 12.50 -40.87
C THR F 10 -6.62 12.57 -39.38
N LEU F 11 -5.41 12.17 -39.00
CA LEU F 11 -5.00 12.20 -37.61
C LEU F 11 -5.14 13.62 -37.07
N GLU F 12 -4.76 14.59 -37.89
CA GLU F 12 -4.82 16.00 -37.51
C GLU F 12 -6.24 16.39 -37.14
N ALA F 13 -7.20 15.95 -37.96
CA ALA F 13 -8.59 16.24 -37.70
C ALA F 13 -8.99 15.61 -36.36
N LEU F 14 -8.63 14.35 -36.18
CA LEU F 14 -8.95 13.65 -34.93
C LEU F 14 -8.44 14.39 -33.71
N ASN F 15 -7.12 14.60 -33.67
CA ASN F 15 -6.48 15.27 -32.56
C ASN F 15 -6.98 16.68 -32.27
N ALA F 16 -7.33 17.44 -33.31
CA ALA F 16 -7.82 18.79 -33.10
C ALA F 16 -9.14 18.78 -32.32
N MET F 17 -9.84 17.65 -32.33
CA MET F 17 -11.11 17.54 -31.63
C MET F 17 -10.94 17.75 -30.14
N GLY F 18 -9.79 17.33 -29.60
CA GLY F 18 -9.54 17.45 -28.17
C GLY F 18 -9.23 18.83 -27.61
N GLU F 19 -8.83 19.77 -28.47
CA GLU F 19 -8.50 21.12 -28.01
C GLU F 19 -9.61 21.69 -27.14
N GLY F 20 -9.26 22.10 -25.92
CA GLY F 20 -10.25 22.68 -25.03
C GLY F 20 -11.07 21.68 -24.24
N ASN F 21 -10.79 20.40 -24.38
CA ASN F 21 -11.54 19.40 -23.65
C ASN F 21 -10.61 18.35 -23.01
N MET F 22 -11.21 17.47 -22.21
CA MET F 22 -10.47 16.41 -21.51
C MET F 22 -9.42 15.67 -22.34
N VAL F 23 -9.75 15.35 -23.59
CA VAL F 23 -8.85 14.61 -24.46
C VAL F 23 -7.55 15.35 -24.71
N GLY F 24 -7.66 16.64 -25.01
CA GLY F 24 -6.47 17.43 -25.27
C GLY F 24 -5.68 17.68 -24.00
N PHE F 25 -6.39 17.84 -22.88
CA PHE F 25 -5.70 18.12 -21.65
C PHE F 25 -4.99 16.96 -20.98
N LEU F 26 -5.26 15.74 -21.43
CA LEU F 26 -4.59 14.56 -20.89
C LEU F 26 -3.56 14.08 -21.90
N ASP F 27 -3.34 14.91 -22.93
CA ASP F 27 -2.41 14.62 -24.01
C ASP F 27 -2.68 13.25 -24.66
N ILE F 28 -3.94 12.95 -24.92
CA ILE F 28 -4.30 11.69 -25.59
C ILE F 28 -4.09 11.98 -27.06
N ARG F 29 -3.14 11.28 -27.68
CA ARG F 29 -2.86 11.50 -29.10
C ARG F 29 -3.09 10.29 -29.99
N PHE F 30 -3.91 10.48 -31.02
CA PHE F 30 -4.18 9.38 -31.95
C PHE F 30 -2.93 9.17 -32.78
N GLU F 31 -2.55 7.91 -32.98
CA GLU F 31 -1.34 7.59 -33.71
C GLU F 31 -1.48 6.57 -34.84
N HIS F 32 -2.67 6.04 -35.06
CA HIS F 32 -2.84 5.06 -36.13
C HIS F 32 -4.30 4.78 -36.46
N ILE F 33 -4.62 4.95 -37.74
CA ILE F 33 -5.95 4.70 -38.25
C ILE F 33 -5.80 3.57 -39.24
N GLY F 34 -6.04 2.34 -38.79
CA GLY F 34 -5.93 1.19 -39.66
C GLY F 34 -7.27 0.90 -40.30
N ASP F 35 -7.37 -0.23 -40.98
CA ASP F 35 -8.61 -0.62 -41.65
C ASP F 35 -9.76 -0.82 -40.67
N ASP F 36 -9.46 -1.44 -39.52
CA ASP F 36 -10.47 -1.71 -38.52
C ASP F 36 -9.93 -1.60 -37.10
N THR F 37 -8.98 -0.71 -36.89
CA THR F 37 -8.40 -0.47 -35.57
C THR F 37 -8.03 1.00 -35.48
N LEU F 38 -8.07 1.53 -34.26
CA LEU F 38 -7.73 2.91 -34.01
C LEU F 38 -6.89 2.93 -32.75
N GLU F 39 -5.72 3.54 -32.83
CA GLU F 39 -4.82 3.57 -31.70
C GLU F 39 -4.43 4.97 -31.29
N ALA F 40 -4.50 5.24 -30.00
CA ALA F 40 -4.13 6.54 -29.45
C ALA F 40 -3.27 6.27 -28.22
N THR F 41 -2.38 7.20 -27.87
CA THR F 41 -1.54 7.04 -26.71
C THR F 41 -1.85 8.11 -25.67
N MET F 42 -1.48 7.83 -24.43
CA MET F 42 -1.73 8.73 -23.32
C MET F 42 -0.55 8.65 -22.36
N PRO F 43 -0.13 9.79 -21.81
CA PRO F 43 0.98 9.81 -20.86
C PRO F 43 0.58 9.31 -19.47
N VAL F 44 1.53 8.67 -18.79
CA VAL F 44 1.32 8.21 -17.43
C VAL F 44 2.09 9.17 -16.55
N ASP F 45 1.42 10.25 -16.14
CA ASP F 45 2.05 11.24 -15.29
C ASP F 45 1.06 11.75 -14.24
N SER F 46 1.43 12.85 -13.57
CA SER F 46 0.61 13.41 -12.51
C SER F 46 -0.83 13.68 -12.91
N ARG F 47 -1.07 13.82 -14.22
CA ARG F 47 -2.43 14.06 -14.70
C ARG F 47 -3.25 12.78 -14.74
N THR F 48 -2.57 11.64 -14.80
CA THR F 48 -3.28 10.38 -14.93
C THR F 48 -2.93 9.29 -13.91
N LYS F 49 -2.29 9.68 -12.81
CA LYS F 49 -1.92 8.74 -11.76
C LYS F 49 -2.83 8.92 -10.55
N GLN F 50 -3.07 7.83 -9.82
CA GLN F 50 -3.87 7.94 -8.61
C GLN F 50 -2.86 8.36 -7.54
N PRO F 51 -3.30 8.52 -6.28
CA PRO F 51 -2.39 8.93 -5.19
C PRO F 51 -1.12 8.13 -4.91
N PHE F 52 -1.04 6.87 -5.33
CA PHE F 52 0.15 6.08 -5.03
C PHE F 52 1.14 5.86 -6.17
N GLY F 53 1.19 6.81 -7.09
CA GLY F 53 2.12 6.73 -8.20
C GLY F 53 1.83 5.79 -9.36
N LEU F 54 0.62 5.27 -9.45
CA LEU F 54 0.31 4.37 -10.54
C LEU F 54 -0.79 4.93 -11.43
N LEU F 55 -0.81 4.47 -12.68
CA LEU F 55 -1.82 4.90 -13.64
C LEU F 55 -3.20 4.70 -13.01
N HIS F 56 -3.99 5.76 -12.97
CA HIS F 56 -5.34 5.71 -12.39
C HIS F 56 -6.24 4.88 -13.31
N GLY F 57 -7.01 3.97 -12.71
CA GLY F 57 -7.91 3.12 -13.48
C GLY F 57 -8.89 3.93 -14.31
N GLY F 58 -9.31 5.07 -13.78
CA GLY F 58 -10.22 5.94 -14.50
C GLY F 58 -9.58 6.57 -15.72
N ALA F 59 -8.28 6.83 -15.65
CA ALA F 59 -7.59 7.42 -16.78
C ALA F 59 -7.65 6.43 -17.93
N SER F 60 -7.46 5.15 -17.62
CA SER F 60 -7.50 4.09 -18.64
C SER F 60 -8.86 4.08 -19.32
N VAL F 61 -9.91 4.25 -18.54
CA VAL F 61 -11.25 4.26 -19.09
C VAL F 61 -11.47 5.52 -19.93
N VAL F 62 -10.89 6.64 -19.51
CA VAL F 62 -11.02 7.88 -20.28
C VAL F 62 -10.45 7.62 -21.68
N LEU F 63 -9.27 6.98 -21.72
CA LEU F 63 -8.62 6.66 -22.98
C LEU F 63 -9.44 5.68 -23.78
N ALA F 64 -10.04 4.70 -23.11
CA ALA F 64 -10.85 3.72 -23.84
C ALA F 64 -12.12 4.35 -24.43
N GLU F 65 -12.82 5.17 -23.65
CA GLU F 65 -14.03 5.78 -24.14
C GLU F 65 -13.72 6.85 -25.20
N SER F 66 -12.53 7.43 -25.11
CA SER F 66 -12.11 8.47 -26.06
C SER F 66 -11.92 7.89 -27.44
N ILE F 67 -11.20 6.78 -27.52
CA ILE F 67 -10.92 6.12 -28.78
C ILE F 67 -12.16 5.41 -29.30
N GLY F 68 -12.90 4.80 -28.38
CA GLY F 68 -14.11 4.09 -28.75
C GLY F 68 -15.21 4.98 -29.31
N SER F 69 -15.34 6.18 -28.76
CA SER F 69 -16.36 7.13 -29.21
C SER F 69 -16.12 7.65 -30.62
N VAL F 70 -14.88 7.99 -30.95
CA VAL F 70 -14.57 8.49 -32.28
C VAL F 70 -14.72 7.35 -33.29
N ALA F 71 -14.26 6.17 -32.91
CA ALA F 71 -14.35 4.99 -33.78
C ALA F 71 -15.80 4.75 -34.15
N GLY F 72 -16.67 4.71 -33.13
CA GLY F 72 -18.07 4.49 -33.38
C GLY F 72 -18.63 5.52 -34.34
N TYR F 73 -18.19 6.77 -34.19
CA TYR F 73 -18.63 7.87 -35.04
C TYR F 73 -18.13 7.69 -36.48
N LEU F 74 -16.84 7.38 -36.62
CA LEU F 74 -16.24 7.19 -37.93
C LEU F 74 -16.93 6.08 -38.71
N CYS F 75 -17.70 5.25 -38.00
CA CYS F 75 -18.39 4.14 -38.64
C CYS F 75 -19.83 4.47 -39.03
N THR F 76 -20.24 5.72 -38.81
CA THR F 76 -21.59 6.15 -39.18
C THR F 76 -21.51 7.10 -40.37
N GLU F 77 -22.65 7.35 -41.02
CA GLU F 77 -22.69 8.24 -42.18
C GLU F 77 -23.55 9.48 -41.96
N GLY F 78 -23.36 10.46 -42.85
CA GLY F 78 -24.12 11.70 -42.81
C GLY F 78 -24.26 12.39 -41.46
N GLU F 79 -25.50 12.64 -41.08
CA GLU F 79 -25.77 13.30 -39.80
C GLU F 79 -25.91 12.31 -38.65
N GLN F 80 -25.58 11.04 -38.90
CA GLN F 80 -25.64 10.04 -37.84
C GLN F 80 -24.51 10.35 -36.86
N LYS F 81 -24.56 9.70 -35.71
CA LYS F 81 -23.54 9.91 -34.67
C LYS F 81 -23.74 8.81 -33.63
N VAL F 82 -22.77 8.65 -32.75
CA VAL F 82 -22.86 7.63 -31.70
C VAL F 82 -22.92 8.24 -30.31
N VAL F 83 -23.39 7.44 -29.37
CA VAL F 83 -23.48 7.87 -27.97
C VAL F 83 -23.11 6.70 -27.09
N GLY F 84 -22.15 6.93 -26.20
CA GLY F 84 -21.73 5.87 -25.30
C GLY F 84 -22.90 5.46 -24.43
N LEU F 85 -23.06 4.16 -24.26
CA LEU F 85 -24.15 3.65 -23.44
C LEU F 85 -23.57 3.01 -22.18
N GLU F 86 -22.73 2.02 -22.40
CA GLU F 86 -22.10 1.27 -21.33
C GLU F 86 -20.61 1.07 -21.57
N ILE F 87 -19.85 1.10 -20.49
CA ILE F 87 -18.41 0.88 -20.54
C ILE F 87 -18.04 0.06 -19.31
N ASN F 88 -17.11 -0.86 -19.48
CA ASN F 88 -16.60 -1.69 -18.40
C ASN F 88 -15.14 -1.92 -18.72
N ALA F 89 -14.33 -2.21 -17.70
CA ALA F 89 -12.90 -2.41 -17.86
C ALA F 89 -12.31 -3.28 -16.77
N ASN F 90 -11.31 -4.09 -17.14
CA ASN F 90 -10.62 -4.94 -16.18
C ASN F 90 -9.20 -4.42 -16.08
N HIS F 91 -8.82 -3.98 -14.88
CA HIS F 91 -7.48 -3.47 -14.64
C HIS F 91 -6.67 -4.72 -14.28
N VAL F 92 -5.82 -5.15 -15.21
CA VAL F 92 -5.05 -6.37 -14.99
C VAL F 92 -3.60 -6.12 -14.62
N ARG F 93 -3.11 -4.93 -14.90
CA ARG F 93 -1.72 -4.62 -14.58
C ARG F 93 -1.54 -3.13 -14.48
N SER F 94 -0.85 -2.70 -13.43
CA SER F 94 -0.59 -1.28 -13.23
C SER F 94 0.52 -0.77 -14.14
N ALA F 95 0.54 0.54 -14.34
CA ALA F 95 1.53 1.22 -15.17
C ALA F 95 2.03 2.38 -14.33
N ARG F 96 3.28 2.80 -14.51
CA ARG F 96 3.82 3.89 -13.71
C ARG F 96 4.62 4.95 -14.45
N GLU F 97 4.94 4.69 -15.72
CA GLU F 97 5.71 5.65 -16.50
C GLU F 97 5.47 5.55 -18.00
N GLY F 98 6.15 6.42 -18.75
CA GLY F 98 6.03 6.43 -20.19
C GLY F 98 4.61 6.74 -20.61
N ARG F 99 4.22 6.24 -21.77
CA ARG F 99 2.87 6.46 -22.27
C ARG F 99 2.28 5.07 -22.51
N VAL F 100 0.97 4.94 -22.38
CA VAL F 100 0.32 3.67 -22.65
C VAL F 100 -0.36 3.81 -24.00
N ARG F 101 -0.55 2.68 -24.67
CA ARG F 101 -1.18 2.68 -25.98
C ARG F 101 -2.51 1.93 -25.96
N GLY F 102 -3.56 2.57 -26.45
CA GLY F 102 -4.86 1.94 -26.50
C GLY F 102 -5.16 1.46 -27.91
N VAL F 103 -5.40 0.17 -28.05
CA VAL F 103 -5.72 -0.44 -29.34
C VAL F 103 -7.21 -0.73 -29.36
N CYS F 104 -7.96 0.02 -30.15
CA CYS F 104 -9.41 -0.15 -30.25
C CYS F 104 -9.79 -0.96 -31.49
N LYS F 105 -10.63 -1.99 -31.28
CA LYS F 105 -11.08 -2.86 -32.37
C LYS F 105 -12.56 -3.16 -32.19
N PRO F 106 -13.30 -3.33 -33.29
CA PRO F 106 -14.72 -3.63 -33.14
C PRO F 106 -14.98 -5.12 -32.85
N LEU F 107 -15.86 -5.38 -31.88
CA LEU F 107 -16.23 -6.75 -31.55
C LEU F 107 -17.48 -7.01 -32.36
N HIS F 108 -18.21 -5.94 -32.63
CA HIS F 108 -19.42 -6.02 -33.41
C HIS F 108 -19.92 -4.65 -33.86
N LEU F 109 -20.15 -4.52 -35.16
CA LEU F 109 -20.64 -3.29 -35.77
C LEU F 109 -22.06 -3.49 -36.27
N GLY F 110 -23.03 -2.96 -35.55
CA GLY F 110 -24.41 -3.12 -35.96
C GLY F 110 -24.98 -1.89 -36.63
N SER F 111 -26.28 -1.94 -36.91
CA SER F 111 -26.97 -0.84 -37.56
C SER F 111 -27.48 0.15 -36.55
N ARG F 112 -27.95 -0.35 -35.41
CA ARG F 112 -28.48 0.50 -34.37
C ARG F 112 -27.55 0.62 -33.15
N HIS F 113 -26.54 -0.26 -33.07
CA HIS F 113 -25.59 -0.24 -31.96
C HIS F 113 -24.25 -0.88 -32.32
N GLN F 114 -23.21 -0.54 -31.56
CA GLN F 114 -21.87 -1.09 -31.78
C GLN F 114 -21.25 -1.52 -30.46
N VAL F 115 -20.27 -2.41 -30.52
CA VAL F 115 -19.61 -2.90 -29.33
C VAL F 115 -18.12 -2.87 -29.64
N TRP F 116 -17.40 -2.01 -28.93
CA TRP F 116 -15.98 -1.86 -29.15
C TRP F 116 -15.10 -2.43 -28.03
N GLN F 117 -13.92 -2.91 -28.40
CA GLN F 117 -12.99 -3.44 -27.42
C GLN F 117 -11.68 -2.68 -27.49
N ILE F 118 -11.22 -2.19 -26.34
CA ILE F 118 -9.97 -1.44 -26.32
C ILE F 118 -9.00 -2.09 -25.37
N GLU F 119 -7.81 -2.37 -25.87
CA GLU F 119 -6.77 -2.97 -25.05
C GLU F 119 -5.71 -1.90 -24.84
N ILE F 120 -5.40 -1.64 -23.58
CA ILE F 120 -4.42 -0.63 -23.23
C ILE F 120 -3.11 -1.27 -22.79
N PHE F 121 -2.03 -0.95 -23.51
CA PHE F 121 -0.73 -1.52 -23.20
C PHE F 121 0.31 -0.50 -22.74
N ASP F 122 1.22 -0.94 -21.88
CA ASP F 122 2.29 -0.06 -21.42
C ASP F 122 3.37 -0.14 -22.50
N GLU F 123 4.42 0.66 -22.36
CA GLU F 123 5.51 0.70 -23.35
C GLU F 123 6.29 -0.60 -23.56
N LYS F 124 6.10 -1.58 -22.69
CA LYS F 124 6.82 -2.84 -22.86
C LYS F 124 5.91 -3.86 -23.55
N GLY F 125 4.75 -3.39 -24.01
CA GLY F 125 3.81 -4.27 -24.69
C GLY F 125 2.93 -5.13 -23.79
N ARG F 126 2.91 -4.84 -22.50
CA ARG F 126 2.10 -5.63 -21.58
C ARG F 126 0.67 -5.09 -21.41
N LEU F 127 -0.31 -5.99 -21.45
CA LEU F 127 -1.72 -5.62 -21.30
C LEU F 127 -2.00 -5.11 -19.87
N CYS F 128 -2.43 -3.87 -19.74
CA CYS F 128 -2.70 -3.32 -18.42
C CYS F 128 -4.19 -3.16 -18.15
N CYS F 129 -4.96 -2.90 -19.20
CA CYS F 129 -6.39 -2.73 -19.04
C CYS F 129 -7.13 -3.20 -20.28
N SER F 130 -8.19 -3.97 -20.07
CA SER F 130 -9.01 -4.48 -21.16
C SER F 130 -10.40 -3.86 -20.95
N SER F 131 -10.92 -3.18 -21.97
CA SER F 131 -12.21 -2.50 -21.86
C SER F 131 -13.18 -2.76 -23.00
N ARG F 132 -14.47 -2.67 -22.70
CA ARG F 132 -15.51 -2.85 -23.70
C ARG F 132 -16.44 -1.65 -23.68
N LEU F 133 -16.71 -1.09 -24.85
CA LEU F 133 -17.61 0.06 -24.95
C LEU F 133 -18.80 -0.30 -25.85
N THR F 134 -20.00 -0.05 -25.33
CA THR F 134 -21.21 -0.34 -26.10
C THR F 134 -21.85 1.00 -26.48
N THR F 135 -21.96 1.24 -27.78
CA THR F 135 -22.53 2.49 -28.28
C THR F 135 -23.85 2.30 -29.00
N ALA F 136 -24.50 3.42 -29.29
CA ALA F 136 -25.78 3.42 -30.00
C ALA F 136 -25.72 4.45 -31.12
N ILE F 137 -26.07 4.04 -32.32
CA ILE F 137 -26.07 4.94 -33.47
C ILE F 137 -27.33 5.78 -33.44
N LEU F 138 -27.18 7.09 -33.53
CA LEU F 138 -28.33 7.99 -33.52
C LEU F 138 -28.50 8.63 -34.87
N GLU F 139 -29.74 9.01 -35.20
CA GLU F 139 -30.01 9.64 -36.49
C GLU F 139 -30.00 11.15 -36.36
N LEU G 3 -45.83 5.45 -12.09
CA LEU G 3 -46.37 4.50 -13.11
C LEU G 3 -45.61 4.67 -14.41
N ILE G 4 -44.63 3.80 -14.63
CA ILE G 4 -43.82 3.84 -15.83
C ILE G 4 -44.37 2.95 -16.94
N TRP G 5 -45.18 1.97 -16.56
CA TRP G 5 -45.76 1.04 -17.52
C TRP G 5 -46.62 1.74 -18.57
N LYS G 6 -46.45 1.34 -19.83
CA LYS G 6 -47.24 1.91 -20.91
C LYS G 6 -48.22 0.82 -21.33
N ARG G 7 -47.88 -0.42 -20.98
CA ARG G 7 -48.72 -1.56 -21.27
C ARG G 7 -49.31 -2.00 -19.94
N LYS G 8 -50.41 -2.72 -20.00
CA LYS G 8 -51.08 -3.18 -18.80
C LYS G 8 -51.16 -4.70 -18.87
N ILE G 9 -50.87 -5.35 -17.76
CA ILE G 9 -50.91 -6.80 -17.71
C ILE G 9 -51.11 -7.27 -16.28
N THR G 10 -51.66 -8.46 -16.13
CA THR G 10 -51.90 -9.03 -14.81
C THR G 10 -50.81 -10.07 -14.54
N LEU G 11 -50.48 -10.29 -13.28
CA LEU G 11 -49.47 -11.27 -12.93
C LEU G 11 -49.76 -12.55 -13.67
N GLU G 12 -51.02 -12.97 -13.61
CA GLU G 12 -51.46 -14.18 -14.28
C GLU G 12 -51.06 -14.17 -15.76
N ALA G 13 -51.50 -13.14 -16.48
CA ALA G 13 -51.19 -13.00 -17.90
C ALA G 13 -49.68 -12.93 -18.14
N LEU G 14 -48.96 -12.39 -17.16
CA LEU G 14 -47.51 -12.27 -17.24
C LEU G 14 -46.86 -13.63 -17.11
N ASN G 15 -47.13 -14.30 -15.99
CA ASN G 15 -46.59 -15.62 -15.72
C ASN G 15 -46.90 -16.63 -16.80
N ALA G 16 -47.93 -16.34 -17.59
CA ALA G 16 -48.33 -17.24 -18.67
C ALA G 16 -47.23 -17.24 -19.74
N MET G 17 -46.64 -16.07 -19.96
CA MET G 17 -45.58 -15.91 -20.94
C MET G 17 -44.45 -16.94 -20.85
N GLY G 18 -43.94 -17.18 -19.63
CA GLY G 18 -42.86 -18.13 -19.47
C GLY G 18 -43.27 -19.55 -19.80
N GLU G 19 -44.56 -19.75 -20.00
CA GLU G 19 -45.09 -21.08 -20.31
C GLU G 19 -44.41 -21.76 -21.50
N GLY G 20 -43.67 -22.82 -21.21
CA GLY G 20 -42.98 -23.55 -22.26
C GLY G 20 -41.58 -23.10 -22.60
N ASN G 21 -41.18 -21.92 -22.11
CA ASN G 21 -39.84 -21.44 -22.39
C ASN G 21 -38.97 -21.44 -21.14
N MET G 22 -37.72 -20.98 -21.25
CA MET G 22 -36.78 -21.00 -20.13
C MET G 22 -37.32 -20.56 -18.77
N VAL G 23 -38.10 -19.47 -18.75
CA VAL G 23 -38.67 -19.00 -17.50
C VAL G 23 -39.52 -20.10 -16.88
N GLY G 24 -40.28 -20.78 -17.73
CA GLY G 24 -41.13 -21.87 -17.26
C GLY G 24 -40.37 -23.05 -16.70
N PHE G 25 -39.36 -23.52 -17.45
CA PHE G 25 -38.57 -24.66 -17.03
C PHE G 25 -37.83 -24.43 -15.72
N LEU G 26 -37.50 -23.18 -15.41
CA LEU G 26 -36.78 -22.89 -14.17
C LEU G 26 -37.70 -22.52 -13.01
N ASP G 27 -39.00 -22.48 -13.27
CA ASP G 27 -39.97 -22.16 -12.24
C ASP G 27 -39.80 -20.71 -11.78
N ILE G 28 -39.63 -19.82 -12.75
CA ILE G 28 -39.49 -18.40 -12.46
C ILE G 28 -40.90 -17.82 -12.46
N ARG G 29 -41.30 -17.23 -11.34
CA ARG G 29 -42.63 -16.66 -11.25
C ARG G 29 -42.65 -15.24 -10.71
N PHE G 30 -43.30 -14.35 -11.44
CA PHE G 30 -43.40 -12.94 -11.04
C PHE G 30 -44.46 -12.86 -9.94
N GLU G 31 -44.20 -12.04 -8.93
CA GLU G 31 -45.12 -11.92 -7.82
C GLU G 31 -45.65 -10.52 -7.52
N HIS G 32 -44.98 -9.51 -8.05
CA HIS G 32 -45.44 -8.16 -7.78
C HIS G 32 -45.09 -7.16 -8.86
N ILE G 33 -46.04 -6.26 -9.14
CA ILE G 33 -45.86 -5.22 -10.15
C ILE G 33 -46.12 -3.84 -9.54
N GLY G 34 -45.06 -3.13 -9.19
CA GLY G 34 -45.23 -1.80 -8.63
C GLY G 34 -45.53 -0.90 -9.80
N ASP G 35 -45.65 0.40 -9.59
CA ASP G 35 -45.92 1.31 -10.71
C ASP G 35 -44.63 1.61 -11.46
N ASP G 36 -43.51 1.22 -10.86
CA ASP G 36 -42.17 1.42 -11.43
C ASP G 36 -41.26 0.31 -10.91
N THR G 37 -41.87 -0.76 -10.42
CA THR G 37 -41.12 -1.88 -9.87
C THR G 37 -41.70 -3.20 -10.37
N LEU G 38 -40.85 -4.22 -10.45
CA LEU G 38 -41.27 -5.54 -10.88
C LEU G 38 -40.39 -6.55 -10.14
N GLU G 39 -41.02 -7.55 -9.54
CA GLU G 39 -40.30 -8.56 -8.78
C GLU G 39 -40.70 -9.96 -9.23
N ALA G 40 -39.79 -10.91 -9.07
CA ALA G 40 -40.02 -12.30 -9.45
C ALA G 40 -39.11 -13.18 -8.62
N THR G 41 -39.46 -14.46 -8.49
CA THR G 41 -38.69 -15.40 -7.70
C THR G 41 -38.31 -16.63 -8.51
N MET G 42 -37.22 -17.29 -8.09
CA MET G 42 -36.72 -18.46 -8.77
C MET G 42 -36.18 -19.47 -7.74
N PRO G 43 -36.46 -20.76 -7.95
CA PRO G 43 -35.99 -21.78 -7.02
C PRO G 43 -34.49 -22.06 -7.15
N VAL G 44 -33.90 -22.56 -6.08
CA VAL G 44 -32.49 -22.92 -6.08
C VAL G 44 -32.41 -24.43 -5.98
N ASP G 45 -32.73 -25.11 -7.07
CA ASP G 45 -32.71 -26.56 -7.09
C ASP G 45 -31.76 -27.12 -8.16
N SER G 46 -31.99 -28.37 -8.56
CA SER G 46 -31.13 -29.02 -9.54
C SER G 46 -31.10 -28.36 -10.91
N ARG G 47 -32.11 -27.55 -11.21
CA ARG G 47 -32.18 -26.89 -12.51
C ARG G 47 -31.45 -25.55 -12.54
N THR G 48 -30.97 -25.08 -11.38
CA THR G 48 -30.29 -23.79 -11.29
C THR G 48 -29.05 -23.79 -10.42
N LYS G 49 -28.55 -24.98 -10.08
CA LYS G 49 -27.35 -25.05 -9.25
C LYS G 49 -26.16 -25.30 -10.14
N GLN G 50 -24.97 -25.06 -9.61
CA GLN G 50 -23.75 -25.33 -10.35
C GLN G 50 -23.25 -26.63 -9.73
N PRO G 51 -22.25 -27.27 -10.36
CA PRO G 51 -21.72 -28.53 -9.84
C PRO G 51 -21.60 -28.69 -8.32
N PHE G 52 -21.28 -27.61 -7.61
CA PHE G 52 -21.10 -27.69 -6.17
C PHE G 52 -22.33 -27.50 -5.28
N GLY G 53 -23.51 -27.57 -5.87
CA GLY G 53 -24.72 -27.43 -5.08
C GLY G 53 -25.08 -26.01 -4.70
N LEU G 54 -24.48 -25.04 -5.40
CA LEU G 54 -24.75 -23.63 -5.13
C LEU G 54 -25.52 -23.00 -6.29
N LEU G 55 -26.21 -21.91 -6.02
CA LEU G 55 -26.96 -21.21 -7.06
C LEU G 55 -25.95 -20.83 -8.13
N HIS G 56 -26.21 -21.27 -9.36
CA HIS G 56 -25.32 -20.99 -10.49
C HIS G 56 -25.43 -19.50 -10.84
N GLY G 57 -24.29 -18.80 -10.82
CA GLY G 57 -24.30 -17.38 -11.14
C GLY G 57 -25.06 -17.07 -12.42
N GLY G 58 -24.96 -17.95 -13.40
CA GLY G 58 -25.66 -17.75 -14.65
C GLY G 58 -27.15 -17.73 -14.42
N ALA G 59 -27.59 -18.56 -13.49
CA ALA G 59 -29.00 -18.65 -13.14
C ALA G 59 -29.50 -17.27 -12.69
N SER G 60 -28.71 -16.62 -11.85
CA SER G 60 -29.07 -15.29 -11.37
C SER G 60 -29.25 -14.34 -12.54
N VAL G 61 -28.33 -14.41 -13.50
CA VAL G 61 -28.39 -13.55 -14.67
C VAL G 61 -29.63 -13.86 -15.50
N VAL G 62 -30.03 -15.14 -15.55
CA VAL G 62 -31.22 -15.55 -16.30
C VAL G 62 -32.45 -14.85 -15.72
N LEU G 63 -32.57 -14.93 -14.40
CA LEU G 63 -33.68 -14.30 -13.68
C LEU G 63 -33.63 -12.79 -13.89
N ALA G 64 -32.43 -12.24 -13.70
CA ALA G 64 -32.23 -10.80 -13.86
C ALA G 64 -32.69 -10.35 -15.24
N GLU G 65 -32.18 -10.99 -16.28
CA GLU G 65 -32.56 -10.61 -17.62
C GLU G 65 -34.00 -10.96 -17.93
N SER G 66 -34.52 -12.04 -17.35
CA SER G 66 -35.92 -12.39 -17.62
C SER G 66 -36.84 -11.26 -17.15
N ILE G 67 -36.58 -10.76 -15.95
CA ILE G 67 -37.39 -9.67 -15.39
C ILE G 67 -37.14 -8.37 -16.13
N GLY G 68 -35.87 -8.02 -16.32
CA GLY G 68 -35.54 -6.79 -17.02
C GLY G 68 -36.12 -6.72 -18.43
N SER G 69 -36.14 -7.86 -19.12
CA SER G 69 -36.68 -7.93 -20.49
C SER G 69 -38.18 -7.62 -20.51
N VAL G 70 -38.89 -8.15 -19.52
CA VAL G 70 -40.33 -7.95 -19.40
C VAL G 70 -40.63 -6.50 -19.01
N ALA G 71 -40.01 -6.03 -17.93
CA ALA G 71 -40.22 -4.65 -17.49
C ALA G 71 -40.01 -3.72 -18.68
N GLY G 72 -38.93 -3.95 -19.41
CA GLY G 72 -38.62 -3.14 -20.57
C GLY G 72 -39.74 -3.23 -21.59
N TYR G 73 -40.26 -4.45 -21.77
CA TYR G 73 -41.34 -4.68 -22.70
C TYR G 73 -42.60 -3.93 -22.26
N LEU G 74 -42.87 -3.96 -20.96
CA LEU G 74 -44.04 -3.29 -20.42
C LEU G 74 -43.95 -1.78 -20.56
N CYS G 75 -42.76 -1.24 -20.83
CA CYS G 75 -42.61 0.19 -20.95
C CYS G 75 -42.64 0.71 -22.37
N THR G 76 -42.97 -0.16 -23.32
CA THR G 76 -43.09 0.23 -24.71
C THR G 76 -44.57 0.10 -25.05
N GLU G 77 -44.94 0.42 -26.28
CA GLU G 77 -46.33 0.34 -26.69
C GLU G 77 -46.47 -0.08 -28.17
N GLY G 78 -47.61 -0.67 -28.50
CA GLY G 78 -47.84 -1.11 -29.86
C GLY G 78 -46.96 -2.25 -30.29
N GLU G 79 -46.59 -2.26 -31.57
CA GLU G 79 -45.74 -3.31 -32.12
C GLU G 79 -44.27 -3.16 -31.71
N GLN G 80 -44.00 -2.32 -30.73
CA GLN G 80 -42.62 -2.14 -30.26
C GLN G 80 -42.18 -3.37 -29.46
N LYS G 81 -40.87 -3.59 -29.44
CA LYS G 81 -40.28 -4.70 -28.71
C LYS G 81 -38.96 -4.21 -28.13
N VAL G 82 -38.41 -4.98 -27.19
CA VAL G 82 -37.14 -4.59 -26.62
C VAL G 82 -36.17 -5.75 -26.70
N VAL G 83 -34.95 -5.45 -27.14
CA VAL G 83 -33.90 -6.45 -27.26
C VAL G 83 -32.75 -6.05 -26.35
N GLY G 84 -32.37 -6.95 -25.46
CA GLY G 84 -31.27 -6.67 -24.56
C GLY G 84 -29.98 -6.49 -25.35
N LEU G 85 -29.15 -5.56 -24.92
CA LEU G 85 -27.88 -5.31 -25.58
C LEU G 85 -26.71 -5.76 -24.73
N GLU G 86 -26.77 -5.42 -23.45
CA GLU G 86 -25.67 -5.74 -22.56
C GLU G 86 -26.21 -6.01 -21.16
N ILE G 87 -25.68 -7.03 -20.50
CA ILE G 87 -26.08 -7.31 -19.13
C ILE G 87 -24.81 -7.57 -18.34
N ASN G 88 -24.79 -7.10 -17.11
CA ASN G 88 -23.63 -7.29 -16.26
C ASN G 88 -24.08 -7.55 -14.83
N ALA G 89 -23.30 -8.34 -14.10
CA ALA G 89 -23.68 -8.66 -12.74
C ALA G 89 -22.48 -9.02 -11.85
N ASN G 90 -22.60 -8.68 -10.58
CA ASN G 90 -21.59 -9.00 -9.59
C ASN G 90 -22.22 -10.04 -8.70
N HIS G 91 -21.49 -11.10 -8.39
CA HIS G 91 -22.00 -12.14 -7.51
C HIS G 91 -21.35 -11.88 -6.17
N VAL G 92 -22.12 -11.35 -5.22
CA VAL G 92 -21.59 -11.02 -3.91
C VAL G 92 -21.83 -12.07 -2.82
N ARG G 93 -22.80 -12.94 -3.02
CA ARG G 93 -23.10 -13.98 -2.04
C ARG G 93 -23.72 -15.21 -2.66
N SER G 94 -23.36 -16.37 -2.11
CA SER G 94 -23.87 -17.64 -2.59
C SER G 94 -25.30 -17.85 -2.11
N ALA G 95 -25.83 -19.03 -2.40
CA ALA G 95 -27.18 -19.44 -2.02
C ALA G 95 -27.27 -20.92 -2.40
N ARG G 96 -27.86 -21.72 -1.54
CA ARG G 96 -27.96 -23.15 -1.83
C ARG G 96 -29.30 -23.78 -1.51
N GLU G 97 -30.31 -22.96 -1.22
CA GLU G 97 -31.63 -23.48 -0.91
C GLU G 97 -32.75 -22.45 -1.01
N GLY G 98 -33.99 -22.93 -0.98
CA GLY G 98 -35.15 -22.07 -1.05
C GLY G 98 -35.29 -21.42 -2.41
N ARG G 99 -35.76 -20.18 -2.41
CA ARG G 99 -35.93 -19.42 -3.64
C ARG G 99 -35.38 -18.02 -3.44
N VAL G 100 -34.81 -17.45 -4.50
CA VAL G 100 -34.26 -16.11 -4.45
C VAL G 100 -35.26 -15.19 -5.16
N ARG G 101 -35.23 -13.91 -4.81
CA ARG G 101 -36.14 -12.94 -5.40
C ARG G 101 -35.40 -11.81 -6.11
N GLY G 102 -35.78 -11.58 -7.36
CA GLY G 102 -35.14 -10.51 -8.10
C GLY G 102 -36.05 -9.31 -8.05
N VAL G 103 -35.48 -8.14 -7.81
CA VAL G 103 -36.23 -6.88 -7.74
C VAL G 103 -35.66 -5.91 -8.76
N CYS G 104 -36.46 -5.63 -9.80
CA CYS G 104 -36.05 -4.77 -10.90
C CYS G 104 -36.65 -3.36 -10.92
N LYS G 105 -35.82 -2.36 -11.28
CA LYS G 105 -36.25 -0.97 -11.34
C LYS G 105 -35.55 -0.24 -12.51
N PRO G 106 -36.14 0.86 -12.97
CA PRO G 106 -35.55 1.62 -14.09
C PRO G 106 -34.45 2.62 -13.71
N LEU G 107 -33.51 2.82 -14.62
CA LEU G 107 -32.41 3.75 -14.45
C LEU G 107 -32.51 4.74 -15.63
N HIS G 108 -33.19 4.32 -16.68
CA HIS G 108 -33.40 5.15 -17.85
C HIS G 108 -34.46 4.56 -18.78
N LEU G 109 -35.37 5.41 -19.23
CA LEU G 109 -36.44 4.97 -20.13
C LEU G 109 -36.49 5.94 -21.31
N GLY G 110 -35.52 5.78 -22.20
CA GLY G 110 -35.44 6.65 -23.35
C GLY G 110 -36.29 6.22 -24.52
N SER G 111 -36.21 6.99 -25.58
CA SER G 111 -36.98 6.71 -26.79
C SER G 111 -36.37 5.59 -27.61
N ARG G 112 -35.05 5.43 -27.51
CA ARG G 112 -34.39 4.38 -28.27
C ARG G 112 -33.85 3.21 -27.46
N HIS G 113 -33.61 3.43 -26.17
CA HIS G 113 -33.09 2.37 -25.31
C HIS G 113 -33.41 2.57 -23.84
N GLN G 114 -33.24 1.50 -23.07
CA GLN G 114 -33.55 1.53 -21.65
C GLN G 114 -32.41 0.89 -20.88
N VAL G 115 -32.42 1.13 -19.57
CA VAL G 115 -31.42 0.58 -18.66
C VAL G 115 -32.17 0.21 -17.39
N TRP G 116 -32.06 -1.07 -17.01
CA TRP G 116 -32.72 -1.58 -15.81
C TRP G 116 -31.67 -2.09 -14.84
N GLN G 117 -32.02 -2.09 -13.56
CA GLN G 117 -31.15 -2.54 -12.50
C GLN G 117 -31.91 -3.61 -11.73
N ILE G 118 -31.34 -4.81 -11.63
CA ILE G 118 -32.00 -5.90 -10.93
C ILE G 118 -31.12 -6.46 -9.83
N GLU G 119 -31.60 -6.41 -8.60
CA GLU G 119 -30.86 -6.94 -7.46
C GLU G 119 -31.57 -8.23 -7.07
N ILE G 120 -30.80 -9.22 -6.65
CA ILE G 120 -31.36 -10.51 -6.27
C ILE G 120 -30.98 -10.86 -4.85
N PHE G 121 -31.98 -11.22 -4.03
CA PHE G 121 -31.75 -11.57 -2.63
C PHE G 121 -32.15 -13.02 -2.34
N ASP G 122 -31.62 -13.56 -1.24
CA ASP G 122 -31.95 -14.92 -0.84
C ASP G 122 -33.16 -14.85 0.09
N GLU G 123 -33.39 -15.90 0.89
CA GLU G 123 -34.53 -15.90 1.80
C GLU G 123 -34.39 -14.79 2.84
N LYS G 124 -33.24 -14.74 3.50
CA LYS G 124 -32.98 -13.74 4.54
C LYS G 124 -32.97 -12.30 4.06
N GLY G 125 -33.18 -12.09 2.76
CA GLY G 125 -33.19 -10.74 2.23
C GLY G 125 -31.79 -10.16 2.07
N ARG G 126 -30.78 -11.03 2.05
CA ARG G 126 -29.40 -10.61 1.87
C ARG G 126 -29.11 -10.59 0.38
N LEU G 127 -28.35 -9.60 -0.07
CA LEU G 127 -28.00 -9.48 -1.47
C LEU G 127 -27.08 -10.61 -1.92
N CYS G 128 -27.37 -11.18 -3.10
CA CYS G 128 -26.56 -12.25 -3.65
C CYS G 128 -26.05 -11.89 -5.04
N CYS G 129 -26.75 -10.98 -5.70
CA CYS G 129 -26.36 -10.57 -7.04
C CYS G 129 -26.93 -9.22 -7.43
N SER G 130 -26.08 -8.34 -7.96
CA SER G 130 -26.50 -7.03 -8.40
C SER G 130 -26.17 -6.89 -9.88
N SER G 131 -27.23 -6.77 -10.68
CA SER G 131 -27.10 -6.69 -12.13
C SER G 131 -27.66 -5.40 -12.75
N ARG G 132 -27.28 -5.17 -14.00
CA ARG G 132 -27.71 -4.02 -14.79
C ARG G 132 -28.00 -4.54 -16.19
N LEU G 133 -29.10 -4.10 -16.79
CA LEU G 133 -29.45 -4.56 -18.13
C LEU G 133 -29.78 -3.41 -19.08
N THR G 134 -29.09 -3.35 -20.21
CA THR G 134 -29.35 -2.31 -21.20
C THR G 134 -30.09 -2.89 -22.39
N THR G 135 -31.22 -2.30 -22.72
CA THR G 135 -32.02 -2.79 -23.84
C THR G 135 -32.16 -1.77 -24.95
N ALA G 136 -32.42 -2.26 -26.16
CA ALA G 136 -32.62 -1.39 -27.31
C ALA G 136 -34.11 -1.46 -27.65
N ILE G 137 -34.72 -0.32 -27.92
CA ILE G 137 -36.13 -0.32 -28.27
C ILE G 137 -36.26 -0.32 -29.78
N LEU G 138 -36.84 -1.39 -30.31
CA LEU G 138 -37.01 -1.51 -31.75
C LEU G 138 -38.45 -1.22 -32.16
N GLU G 139 -38.62 -0.50 -33.27
CA GLU G 139 -39.94 -0.15 -33.77
C GLU G 139 -40.49 -1.34 -34.55
N SER H 2 0.32 -22.18 -26.86
CA SER H 2 0.94 -22.29 -25.50
C SER H 2 -0.04 -22.93 -24.50
N LEU H 3 0.50 -23.71 -23.57
CA LEU H 3 -0.33 -24.35 -22.57
C LEU H 3 -0.58 -23.39 -21.41
N ILE H 4 -1.81 -23.37 -20.92
CA ILE H 4 -2.18 -22.49 -19.80
C ILE H 4 -2.61 -23.32 -18.59
N TRP H 5 -3.20 -24.47 -18.84
CA TRP H 5 -3.68 -25.34 -17.78
C TRP H 5 -2.61 -25.75 -16.77
N LYS H 6 -3.06 -26.13 -15.57
CA LYS H 6 -2.18 -26.58 -14.50
C LYS H 6 -2.79 -27.83 -13.89
N ARG H 7 -3.99 -28.17 -14.35
CA ARG H 7 -4.68 -29.36 -13.89
C ARG H 7 -5.01 -30.19 -15.12
N LYS H 8 -4.82 -31.50 -15.03
CA LYS H 8 -5.11 -32.40 -16.14
C LYS H 8 -6.54 -32.93 -15.98
N ILE H 9 -7.35 -32.75 -17.01
CA ILE H 9 -8.74 -33.20 -16.96
C ILE H 9 -9.15 -33.71 -18.34
N THR H 10 -10.20 -34.52 -18.39
CA THR H 10 -10.70 -35.06 -19.65
C THR H 10 -12.11 -34.58 -19.91
N LEU H 11 -12.52 -34.61 -21.17
CA LEU H 11 -13.85 -34.19 -21.56
C LEU H 11 -14.91 -34.98 -20.80
N GLU H 12 -14.77 -36.29 -20.78
CA GLU H 12 -15.73 -37.16 -20.10
C GLU H 12 -15.85 -36.79 -18.62
N ALA H 13 -14.73 -36.44 -18.00
CA ALA H 13 -14.72 -36.06 -16.59
C ALA H 13 -15.42 -34.71 -16.42
N LEU H 14 -15.12 -33.78 -17.30
CA LEU H 14 -15.73 -32.45 -17.27
C LEU H 14 -17.25 -32.53 -17.36
N ASN H 15 -17.73 -33.17 -18.43
CA ASN H 15 -19.16 -33.32 -18.67
C ASN H 15 -19.93 -33.99 -17.54
N ALA H 16 -19.24 -34.86 -16.79
CA ALA H 16 -19.90 -35.55 -15.68
C ALA H 16 -20.28 -34.56 -14.58
N MET H 17 -19.50 -33.48 -14.46
CA MET H 17 -19.76 -32.47 -13.44
C MET H 17 -21.19 -31.92 -13.46
N GLY H 18 -21.72 -31.73 -14.65
CA GLY H 18 -23.05 -31.17 -14.81
C GLY H 18 -24.26 -32.03 -14.52
N GLU H 19 -24.02 -33.28 -14.12
CA GLU H 19 -25.13 -34.17 -13.84
C GLU H 19 -25.90 -33.77 -12.59
N GLY H 20 -27.21 -33.55 -12.73
CA GLY H 20 -28.03 -33.17 -11.60
C GLY H 20 -28.12 -31.67 -11.36
N ASN H 21 -27.37 -30.89 -12.13
CA ASN H 21 -27.42 -29.43 -11.98
C ASN H 21 -27.69 -28.72 -13.31
N MET H 22 -27.84 -27.41 -13.24
CA MET H 22 -28.14 -26.58 -14.43
C MET H 22 -27.36 -26.95 -15.69
N VAL H 23 -26.06 -27.16 -15.55
CA VAL H 23 -25.24 -27.52 -16.70
C VAL H 23 -25.89 -28.67 -17.46
N GLY H 24 -25.97 -29.83 -16.81
CA GLY H 24 -26.58 -30.99 -17.44
C GLY H 24 -28.02 -30.75 -17.83
N PHE H 25 -28.76 -29.99 -17.03
CA PHE H 25 -30.15 -29.74 -17.34
C PHE H 25 -30.37 -28.99 -18.65
N LEU H 26 -29.35 -28.25 -19.09
CA LEU H 26 -29.46 -27.49 -20.32
C LEU H 26 -28.67 -28.12 -21.46
N ASP H 27 -28.22 -29.35 -21.26
CA ASP H 27 -27.46 -30.07 -22.28
C ASP H 27 -26.23 -29.29 -22.70
N ILE H 28 -25.51 -28.74 -21.73
CA ILE H 28 -24.30 -28.00 -22.02
C ILE H 28 -23.22 -29.07 -22.01
N ARG H 29 -22.51 -29.23 -23.11
CA ARG H 29 -21.47 -30.24 -23.21
C ARG H 29 -20.14 -29.70 -23.74
N PHE H 30 -19.06 -29.98 -23.01
CA PHE H 30 -17.75 -29.53 -23.45
C PHE H 30 -17.33 -30.41 -24.62
N GLU H 31 -16.72 -29.82 -25.64
CA GLU H 31 -16.33 -30.61 -26.81
C GLU H 31 -14.86 -30.51 -27.20
N HIS H 32 -14.15 -29.52 -26.68
CA HIS H 32 -12.75 -29.36 -27.01
C HIS H 32 -11.98 -28.66 -25.88
N ILE H 33 -10.89 -29.29 -25.47
CA ILE H 33 -10.04 -28.75 -24.41
C ILE H 33 -8.69 -28.42 -25.04
N GLY H 34 -8.66 -27.39 -25.87
CA GLY H 34 -7.43 -27.01 -26.52
C GLY H 34 -6.31 -26.70 -25.55
N ASP H 35 -5.20 -26.18 -26.06
CA ASP H 35 -4.05 -25.83 -25.23
C ASP H 35 -4.34 -24.56 -24.45
N ASP H 36 -4.98 -23.61 -25.13
CA ASP H 36 -5.31 -22.32 -24.52
C ASP H 36 -6.75 -21.89 -24.78
N THR H 37 -7.63 -22.87 -25.00
CA THR H 37 -9.04 -22.59 -25.25
C THR H 37 -9.91 -23.75 -24.76
N LEU H 38 -11.13 -23.43 -24.35
CA LEU H 38 -12.06 -24.45 -23.90
C LEU H 38 -13.35 -24.22 -24.68
N GLU H 39 -14.04 -25.29 -25.05
CA GLU H 39 -15.25 -25.14 -25.83
C GLU H 39 -16.38 -26.06 -25.39
N ALA H 40 -17.59 -25.53 -25.41
CA ALA H 40 -18.77 -26.29 -25.04
C ALA H 40 -19.94 -25.76 -25.87
N THR H 41 -20.93 -26.61 -26.12
CA THR H 41 -22.08 -26.18 -26.90
C THR H 41 -23.31 -26.26 -26.03
N MET H 42 -24.41 -25.69 -26.53
CA MET H 42 -25.65 -25.66 -25.80
C MET H 42 -26.80 -25.55 -26.80
N PRO H 43 -27.85 -26.36 -26.62
CA PRO H 43 -28.97 -26.31 -27.54
C PRO H 43 -29.75 -25.00 -27.40
N VAL H 44 -30.43 -24.64 -28.48
CA VAL H 44 -31.27 -23.46 -28.50
C VAL H 44 -32.69 -23.99 -28.58
N ASP H 45 -33.18 -24.51 -27.46
CA ASP H 45 -34.53 -25.06 -27.41
C ASP H 45 -35.39 -24.40 -26.34
N SER H 46 -36.55 -25.01 -26.11
CA SER H 46 -37.53 -24.53 -25.14
C SER H 46 -36.89 -24.20 -23.80
N ARG H 47 -35.89 -24.99 -23.41
CA ARG H 47 -35.19 -24.79 -22.14
C ARG H 47 -34.36 -23.51 -22.10
N THR H 48 -33.74 -23.17 -23.23
CA THR H 48 -32.89 -21.98 -23.30
C THR H 48 -33.47 -20.84 -24.14
N LYS H 49 -34.78 -20.90 -24.41
CA LYS H 49 -35.41 -19.87 -25.21
C LYS H 49 -36.23 -18.91 -24.36
N GLN H 50 -36.37 -17.68 -24.84
CA GLN H 50 -37.17 -16.69 -24.15
C GLN H 50 -38.56 -16.81 -24.79
N PRO H 51 -39.58 -16.22 -24.16
CA PRO H 51 -40.96 -16.26 -24.65
C PRO H 51 -41.22 -16.22 -26.17
N PHE H 52 -40.27 -15.70 -26.95
CA PHE H 52 -40.49 -15.60 -28.39
C PHE H 52 -39.75 -16.59 -29.28
N GLY H 53 -39.11 -17.59 -28.67
CA GLY H 53 -38.42 -18.58 -29.46
C GLY H 53 -36.98 -18.28 -29.80
N LEU H 54 -36.46 -17.15 -29.35
CA LEU H 54 -35.07 -16.80 -29.61
C LEU H 54 -34.25 -17.28 -28.43
N LEU H 55 -32.94 -17.44 -28.65
CA LEU H 55 -32.04 -17.87 -27.58
C LEU H 55 -32.16 -16.85 -26.45
N HIS H 56 -32.33 -17.35 -25.24
CA HIS H 56 -32.45 -16.50 -24.05
C HIS H 56 -31.06 -15.93 -23.72
N GLY H 57 -30.99 -14.61 -23.54
CA GLY H 57 -29.70 -13.99 -23.25
C GLY H 57 -29.04 -14.50 -21.99
N GLY H 58 -29.84 -14.82 -20.99
CA GLY H 58 -29.33 -15.33 -19.73
C GLY H 58 -28.77 -16.73 -19.89
N ALA H 59 -29.25 -17.45 -20.89
CA ALA H 59 -28.75 -18.80 -21.13
C ALA H 59 -27.35 -18.62 -21.73
N SER H 60 -27.14 -17.55 -22.49
CA SER H 60 -25.82 -17.31 -23.06
C SER H 60 -24.79 -17.12 -21.95
N VAL H 61 -25.22 -16.47 -20.87
CA VAL H 61 -24.33 -16.23 -19.74
C VAL H 61 -24.14 -17.51 -18.92
N VAL H 62 -25.16 -18.35 -18.83
CA VAL H 62 -24.98 -19.59 -18.07
C VAL H 62 -23.85 -20.31 -18.76
N LEU H 63 -23.99 -20.46 -20.08
CA LEU H 63 -22.95 -21.12 -20.87
C LEU H 63 -21.60 -20.46 -20.59
N ALA H 64 -21.49 -19.17 -20.90
CA ALA H 64 -20.26 -18.43 -20.69
C ALA H 64 -19.67 -18.66 -19.30
N GLU H 65 -20.48 -18.45 -18.25
CA GLU H 65 -19.95 -18.65 -16.91
C GLU H 65 -19.65 -20.13 -16.61
N SER H 66 -20.41 -21.03 -17.23
CA SER H 66 -20.18 -22.46 -17.02
C SER H 66 -18.78 -22.79 -17.48
N ILE H 67 -18.46 -22.41 -18.72
CA ILE H 67 -17.15 -22.65 -19.29
C ILE H 67 -16.07 -21.88 -18.54
N GLY H 68 -16.33 -20.61 -18.27
CA GLY H 68 -15.35 -19.78 -17.57
C GLY H 68 -14.96 -20.31 -16.20
N SER H 69 -15.97 -20.68 -15.40
CA SER H 69 -15.73 -21.19 -14.05
C SER H 69 -14.73 -22.35 -13.99
N VAL H 70 -14.99 -23.42 -14.76
CA VAL H 70 -14.08 -24.57 -14.75
C VAL H 70 -12.71 -24.20 -15.32
N ALA H 71 -12.71 -23.47 -16.43
CA ALA H 71 -11.47 -23.06 -17.07
C ALA H 71 -10.54 -22.35 -16.09
N GLY H 72 -11.09 -21.43 -15.30
CA GLY H 72 -10.28 -20.74 -14.33
C GLY H 72 -9.75 -21.74 -13.33
N TYR H 73 -10.61 -22.67 -12.92
CA TYR H 73 -10.23 -23.71 -11.98
C TYR H 73 -9.05 -24.50 -12.55
N LEU H 74 -9.18 -24.91 -13.80
CA LEU H 74 -8.15 -25.68 -14.48
C LEU H 74 -6.80 -24.96 -14.57
N CYS H 75 -6.81 -23.66 -14.31
CA CYS H 75 -5.59 -22.87 -14.37
C CYS H 75 -4.95 -22.59 -13.02
N THR H 76 -5.49 -23.18 -11.96
CA THR H 76 -4.94 -22.99 -10.62
C THR H 76 -4.14 -24.21 -10.18
N GLU H 77 -3.98 -24.40 -8.87
CA GLU H 77 -3.22 -25.53 -8.35
C GLU H 77 -3.70 -26.04 -7.02
N GLY H 78 -3.26 -27.25 -6.69
CA GLY H 78 -3.61 -27.89 -5.43
C GLY H 78 -4.97 -27.53 -4.86
N GLU H 79 -4.96 -26.97 -3.66
CA GLU H 79 -6.19 -26.59 -2.97
C GLU H 79 -6.89 -25.35 -3.51
N GLN H 80 -6.18 -24.54 -4.29
CA GLN H 80 -6.78 -23.33 -4.85
C GLN H 80 -8.10 -23.59 -5.56
N LYS H 81 -8.97 -22.59 -5.51
CA LYS H 81 -10.27 -22.63 -6.17
C LYS H 81 -10.53 -21.24 -6.70
N VAL H 82 -11.38 -21.12 -7.71
CA VAL H 82 -11.71 -19.82 -8.25
C VAL H 82 -13.16 -19.55 -7.94
N VAL H 83 -13.50 -18.28 -7.79
CA VAL H 83 -14.87 -17.88 -7.51
C VAL H 83 -15.24 -16.74 -8.46
N GLY H 84 -16.42 -16.83 -9.05
CA GLY H 84 -16.88 -15.81 -9.97
C GLY H 84 -17.24 -14.52 -9.26
N LEU H 85 -16.61 -13.43 -9.64
CA LEU H 85 -16.87 -12.13 -9.04
C LEU H 85 -17.84 -11.29 -9.86
N GLU H 86 -17.48 -11.07 -11.13
CA GLU H 86 -18.27 -10.25 -12.02
C GLU H 86 -18.35 -10.83 -13.43
N ILE H 87 -19.44 -10.56 -14.13
CA ILE H 87 -19.59 -11.03 -15.50
C ILE H 87 -20.38 -10.02 -16.33
N ASN H 88 -20.14 -10.01 -17.63
CA ASN H 88 -20.88 -9.09 -18.50
C ASN H 88 -20.96 -9.72 -19.87
N ALA H 89 -21.91 -9.26 -20.67
CA ALA H 89 -22.08 -9.83 -21.99
C ALA H 89 -22.83 -8.94 -22.96
N ASN H 90 -22.41 -8.98 -24.21
CA ASN H 90 -23.09 -8.22 -25.24
C ASN H 90 -23.73 -9.25 -26.16
N HIS H 91 -25.00 -9.05 -26.43
CA HIS H 91 -25.75 -9.90 -27.32
C HIS H 91 -25.72 -9.15 -28.65
N VAL H 92 -25.09 -9.73 -29.66
CA VAL H 92 -24.94 -9.06 -30.94
C VAL H 92 -25.77 -9.68 -32.07
N ARG H 93 -26.22 -10.92 -31.85
CA ARG H 93 -27.04 -11.60 -32.84
C ARG H 93 -27.88 -12.65 -32.15
N SER H 94 -29.09 -12.86 -32.65
CA SER H 94 -29.99 -13.85 -32.08
C SER H 94 -29.81 -15.22 -32.74
N ALA H 95 -30.34 -16.25 -32.08
CA ALA H 95 -30.27 -17.61 -32.59
C ALA H 95 -31.66 -18.18 -32.32
N ARG H 96 -32.14 -19.07 -33.18
CA ARG H 96 -33.47 -19.63 -32.96
C ARG H 96 -33.58 -21.14 -33.11
N GLU H 97 -32.44 -21.81 -33.29
CA GLU H 97 -32.46 -23.26 -33.47
C GLU H 97 -31.05 -23.83 -33.39
N GLY H 98 -30.94 -25.15 -33.49
CA GLY H 98 -29.64 -25.80 -33.44
C GLY H 98 -28.91 -25.63 -32.12
N ARG H 99 -27.60 -25.48 -32.19
CA ARG H 99 -26.77 -25.32 -31.01
C ARG H 99 -25.81 -24.14 -31.19
N VAL H 100 -25.38 -23.56 -30.07
CA VAL H 100 -24.42 -22.46 -30.11
C VAL H 100 -23.14 -22.94 -29.43
N ARG H 101 -22.00 -22.51 -29.96
CA ARG H 101 -20.71 -22.90 -29.43
C ARG H 101 -20.00 -21.76 -28.70
N GLY H 102 -19.65 -22.01 -27.45
CA GLY H 102 -18.97 -21.00 -26.66
C GLY H 102 -17.48 -21.31 -26.61
N VAL H 103 -16.67 -20.38 -27.09
CA VAL H 103 -15.23 -20.54 -27.10
C VAL H 103 -14.66 -19.64 -26.02
N CYS H 104 -13.99 -20.25 -25.04
CA CYS H 104 -13.42 -19.50 -23.93
C CYS H 104 -11.89 -19.38 -24.00
N LYS H 105 -11.41 -18.14 -24.11
CA LYS H 105 -9.99 -17.86 -24.16
C LYS H 105 -9.69 -16.90 -23.02
N PRO H 106 -8.49 -17.00 -22.43
CA PRO H 106 -8.14 -16.11 -21.33
C PRO H 106 -7.67 -14.73 -21.80
N LEU H 107 -7.95 -13.71 -21.00
CA LEU H 107 -7.50 -12.36 -21.32
C LEU H 107 -6.37 -12.02 -20.36
N HIS H 108 -6.49 -12.52 -19.13
CA HIS H 108 -5.49 -12.31 -18.09
C HIS H 108 -5.57 -13.38 -17.00
N LEU H 109 -4.43 -14.03 -16.74
CA LEU H 109 -4.36 -15.05 -15.71
C LEU H 109 -3.28 -14.64 -14.72
N GLY H 110 -3.72 -14.04 -13.61
CA GLY H 110 -2.78 -13.60 -12.60
C GLY H 110 -2.79 -14.51 -11.40
N SER H 111 -2.05 -14.11 -10.37
CA SER H 111 -1.94 -14.92 -9.15
C SER H 111 -2.87 -14.40 -8.04
N ARG H 112 -4.01 -13.86 -8.42
CA ARG H 112 -4.98 -13.37 -7.45
C ARG H 112 -6.36 -13.36 -8.09
N HIS H 113 -6.40 -13.12 -9.39
CA HIS H 113 -7.66 -13.09 -10.11
C HIS H 113 -7.39 -13.35 -11.59
N GLN H 114 -8.45 -13.68 -12.33
CA GLN H 114 -8.31 -13.98 -13.73
C GLN H 114 -9.44 -13.29 -14.48
N VAL H 115 -9.25 -13.09 -15.77
CA VAL H 115 -10.29 -12.51 -16.59
C VAL H 115 -10.44 -13.39 -17.80
N TRP H 116 -11.63 -13.93 -18.00
CA TRP H 116 -11.91 -14.79 -19.14
C TRP H 116 -12.85 -14.16 -20.14
N GLN H 117 -12.64 -14.49 -21.42
CA GLN H 117 -13.49 -13.99 -22.46
C GLN H 117 -14.12 -15.19 -23.14
N ILE H 118 -15.44 -15.18 -23.25
CA ILE H 118 -16.14 -16.27 -23.90
C ILE H 118 -16.97 -15.72 -25.06
N GLU H 119 -16.76 -16.28 -26.25
CA GLU H 119 -17.51 -15.85 -27.42
C GLU H 119 -18.41 -17.00 -27.83
N ILE H 120 -19.69 -16.70 -28.07
CA ILE H 120 -20.66 -17.73 -28.41
C ILE H 120 -21.14 -17.57 -29.86
N PHE H 121 -21.04 -18.66 -30.63
CA PHE H 121 -21.44 -18.59 -32.04
C PHE H 121 -22.59 -19.50 -32.44
N ASP H 122 -23.30 -19.09 -33.48
CA ASP H 122 -24.42 -19.89 -33.99
C ASP H 122 -23.86 -20.95 -34.92
N GLU H 123 -24.69 -21.92 -35.27
CA GLU H 123 -24.29 -23.02 -36.14
C GLU H 123 -23.66 -22.60 -37.45
N LYS H 124 -23.77 -21.32 -37.80
CA LYS H 124 -23.18 -20.81 -39.03
C LYS H 124 -21.88 -20.04 -38.77
N GLY H 125 -21.32 -20.22 -37.57
CA GLY H 125 -20.08 -19.56 -37.21
C GLY H 125 -20.13 -18.07 -36.99
N ARG H 126 -21.32 -17.53 -36.77
CA ARG H 126 -21.48 -16.09 -36.54
C ARG H 126 -21.51 -15.76 -35.05
N LEU H 127 -20.76 -14.73 -34.64
CA LEU H 127 -20.74 -14.34 -33.24
C LEU H 127 -22.12 -13.86 -32.82
N CYS H 128 -22.62 -14.43 -31.72
CA CYS H 128 -23.93 -14.08 -31.19
C CYS H 128 -23.87 -13.43 -29.80
N CYS H 129 -22.85 -13.78 -29.02
CA CYS H 129 -22.67 -13.21 -27.70
C CYS H 129 -21.20 -13.17 -27.29
N SER H 130 -20.77 -12.05 -26.72
CA SER H 130 -19.40 -11.86 -26.28
C SER H 130 -19.47 -11.51 -24.81
N SER H 131 -18.81 -12.31 -23.98
CA SER H 131 -18.84 -12.11 -22.54
C SER H 131 -17.49 -12.16 -21.82
N ARG H 132 -17.41 -11.49 -20.68
CA ARG H 132 -16.20 -11.46 -19.87
C ARG H 132 -16.50 -11.86 -18.43
N LEU H 133 -15.71 -12.78 -17.91
CA LEU H 133 -15.89 -13.27 -16.55
C LEU H 133 -14.65 -12.93 -15.74
N THR H 134 -14.85 -12.37 -14.56
CA THR H 134 -13.77 -12.02 -13.66
C THR H 134 -13.87 -12.97 -12.46
N THR H 135 -12.77 -13.69 -12.20
CA THR H 135 -12.71 -14.66 -11.10
C THR H 135 -11.67 -14.25 -10.05
N ALA H 136 -11.83 -14.80 -8.85
CA ALA H 136 -10.90 -14.54 -7.76
C ALA H 136 -10.26 -15.89 -7.41
N ILE H 137 -8.97 -15.89 -7.08
CA ILE H 137 -8.30 -17.13 -6.70
C ILE H 137 -8.25 -17.26 -5.19
N LEU H 138 -8.94 -18.26 -4.66
CA LEU H 138 -8.95 -18.47 -3.22
C LEU H 138 -8.06 -19.63 -2.82
N GLU H 139 -7.30 -19.44 -1.74
CA GLU H 139 -6.40 -20.45 -1.23
C GLU H 139 -7.13 -21.52 -0.44
#